data_9BZZ
# 
_entry.id   9BZZ 
# 
_audit_conform.dict_name       mmcif_pdbx.dic 
_audit_conform.dict_version    5.407 
_audit_conform.dict_location   http://mmcif.pdb.org/dictionaries/ascii/mmcif_pdbx.dic 
# 
loop_
_database_2.database_id 
_database_2.database_code 
_database_2.pdbx_database_accession 
_database_2.pdbx_DOI 
PDB   9BZZ         pdb_00009bzz 10.2210/pdb9bzz/pdb 
WWPDB D_1000282897 ?            ?                   
# 
_pdbx_audit_revision_history.ordinal             1 
_pdbx_audit_revision_history.data_content_type   'Structure model' 
_pdbx_audit_revision_history.major_revision      1 
_pdbx_audit_revision_history.minor_revision      0 
_pdbx_audit_revision_history.revision_date       2025-11-26 
_pdbx_audit_revision_history.part_number         ? 
# 
_pdbx_audit_revision_details.ordinal             1 
_pdbx_audit_revision_details.revision_ordinal    1 
_pdbx_audit_revision_details.data_content_type   'Structure model' 
_pdbx_audit_revision_details.provider            repository 
_pdbx_audit_revision_details.type                'Initial release' 
_pdbx_audit_revision_details.description         ? 
_pdbx_audit_revision_details.details             ? 
# 
_pdbx_database_status.status_code                     REL 
_pdbx_database_status.status_code_sf                  REL 
_pdbx_database_status.status_code_mr                  ? 
_pdbx_database_status.entry_id                        9BZZ 
_pdbx_database_status.recvd_initial_deposition_date   2024-05-24 
_pdbx_database_status.SG_entry                        N 
_pdbx_database_status.deposit_site                    RCSB 
_pdbx_database_status.process_site                    RCSB 
_pdbx_database_status.status_code_cs                  ? 
_pdbx_database_status.status_code_nmr_data            ? 
_pdbx_database_status.methods_development_category    ? 
_pdbx_database_status.pdb_format_compatible           Y 
# 
_pdbx_contact_author.id                 2 
_pdbx_contact_author.email              andyn@uic.edu 
_pdbx_contact_author.name_first         Andy 
_pdbx_contact_author.name_last          Nguyen 
_pdbx_contact_author.name_mi            I 
_pdbx_contact_author.role               'principal investigator/group leader' 
_pdbx_contact_author.identifier_ORCID   0000-0003-4137-6453 
# 
_audit_author.name               'Heinz-Kunert, S.L.' 
_audit_author.pdbx_ordinal       1 
_audit_author.identifier_ORCID   0009-0002-5884-1294 
# 
_citation.abstract                  ? 
_citation.abstract_id_CAS           ? 
_citation.book_id_ISBN              ? 
_citation.book_publisher            ? 
_citation.book_publisher_city       ? 
_citation.book_title                ? 
_citation.coordinate_linkage        ? 
_citation.country                   ? 
_citation.database_id_Medline       ? 
_citation.details                   ? 
_citation.id                        primary 
_citation.journal_abbrev            'To Be Published' 
_citation.journal_id_ASTM           ? 
_citation.journal_id_CSD            0353 
_citation.journal_id_ISSN           ? 
_citation.journal_full              ? 
_citation.journal_issue             ? 
_citation.journal_volume            ? 
_citation.language                  ? 
_citation.page_first                ? 
_citation.page_last                 ? 
_citation.title                     'Evolvable conformational diversity in assemblies of short peptides' 
_citation.year                      ? 
_citation.database_id_CSD           ? 
_citation.pdbx_database_id_DOI      ? 
_citation.pdbx_database_id_PubMed   ? 
_citation.pdbx_database_id_patent   ? 
_citation.unpublished_flag          ? 
# 
loop_
_citation_author.citation_id 
_citation_author.name 
_citation_author.ordinal 
_citation_author.identifier_ORCID 
primary 'Heinz-Kunert, S.L.' 1 0009-0002-5884-1294 
primary 'Nguyen, A.I.'       2 0000-0003-4137-6453 
# 
loop_
_entity.id 
_entity.type 
_entity.src_method 
_entity.pdbx_description 
_entity.formula_weight 
_entity.pdbx_number_of_molecules 
_entity.pdbx_ec 
_entity.pdbx_mutation 
_entity.pdbx_fragment 
_entity.details 
1 polymer     syn UIC-1                                                   897.114 1 ? ? ? ? 
2 non-polymer syn "5'-(hydrazinecarbonyl)[2,2'-bipyridine]-5-carboxamide" 257.248 1 ? ? ? ? 
3 non-polymer syn 
;ethyl 5'-formyl[2,2'-bipyridine]-5-carboxylate
;
272.256 1 ? ? ? ? 
4 non-polymer syn PHENYLETHANE                                            106.165 4 ? ? ? ? 
# 
_entity_poly.entity_id                      1 
_entity_poly.type                           'polypeptide(L)' 
_entity_poly.nstd_linkage                   no 
_entity_poly.nstd_monomer                   yes 
_entity_poly.pdbx_seq_one_letter_code       'L(AIB)A(AIB)L(AIB)Q(AIB)L' 
_entity_poly.pdbx_seq_one_letter_code_can   LAAALAQAL 
_entity_poly.pdbx_strand_id                 A 
_entity_poly.pdbx_target_identifier         ? 
# 
loop_
_pdbx_entity_nonpoly.entity_id 
_pdbx_entity_nonpoly.name 
_pdbx_entity_nonpoly.comp_id 
2 "5'-(hydrazinecarbonyl)[2,2'-bipyridine]-5-carboxamide" I77 
3 
;ethyl 5'-formyl[2,2'-bipyridine]-5-carboxylate
;
I6W 
4 PHENYLETHANE                                            PYJ 
# 
loop_
_entity_poly_seq.entity_id 
_entity_poly_seq.num 
_entity_poly_seq.mon_id 
_entity_poly_seq.hetero 
1 1 LEU n 
1 2 AIB n 
1 3 ALA n 
1 4 AIB n 
1 5 LEU n 
1 6 AIB n 
1 7 GLN n 
1 8 AIB n 
1 9 LEU n 
# 
_pdbx_entity_src_syn.entity_id              1 
_pdbx_entity_src_syn.pdbx_src_id            1 
_pdbx_entity_src_syn.pdbx_alt_source_flag   sample 
_pdbx_entity_src_syn.pdbx_beg_seq_num       1 
_pdbx_entity_src_syn.pdbx_end_seq_num       9 
_pdbx_entity_src_syn.organism_scientific    'synthetic construct' 
_pdbx_entity_src_syn.organism_common_name   ? 
_pdbx_entity_src_syn.ncbi_taxonomy_id       32630 
_pdbx_entity_src_syn.details                ? 
# 
loop_
_chem_comp.id 
_chem_comp.type 
_chem_comp.mon_nstd_flag 
_chem_comp.name 
_chem_comp.pdbx_synonyms 
_chem_comp.formula 
_chem_comp.formula_weight 
AIB 'L-peptide linking' n 'ALPHA-AMINOISOBUTYRIC ACID'                            ? 'C4 H9 N O2'    103.120 
ALA 'L-peptide linking' y ALANINE                                                 ? 'C3 H7 N O2'    89.093  
GLN 'L-peptide linking' y GLUTAMINE                                               ? 'C5 H10 N2 O3'  146.144 
I6W non-polymer         . 
;ethyl 5'-formyl[2,2'-bipyridine]-5-carboxylate
;
? 'C14 H12 N2 O4' 272.256 
I77 non-polymer         . "5'-(hydrazinecarbonyl)[2,2'-bipyridine]-5-carboxamide" ? 'C12 H11 N5 O2' 257.248 
LEU 'L-peptide linking' y LEUCINE                                                 ? 'C6 H13 N O2'   131.173 
PYJ non-polymer         . PHENYLETHANE                                            ? 'C8 H10'        106.165 
# 
loop_
_pdbx_poly_seq_scheme.asym_id 
_pdbx_poly_seq_scheme.entity_id 
_pdbx_poly_seq_scheme.seq_id 
_pdbx_poly_seq_scheme.mon_id 
_pdbx_poly_seq_scheme.ndb_seq_num 
_pdbx_poly_seq_scheme.pdb_seq_num 
_pdbx_poly_seq_scheme.auth_seq_num 
_pdbx_poly_seq_scheme.pdb_mon_id 
_pdbx_poly_seq_scheme.auth_mon_id 
_pdbx_poly_seq_scheme.pdb_strand_id 
_pdbx_poly_seq_scheme.pdb_ins_code 
_pdbx_poly_seq_scheme.hetero 
A 1 1 LEU 1 2  2  LEU LEU A . n 
A 1 2 AIB 2 3  3  AIB AIB A . n 
A 1 3 ALA 3 4  4  ALA ALA A . n 
A 1 4 AIB 4 5  5  AIB AIB A . n 
A 1 5 LEU 5 6  6  LEU LEU A . n 
A 1 6 AIB 6 7  7  AIB AIB A . n 
A 1 7 GLN 7 8  8  GLN GLN A . n 
A 1 8 AIB 8 9  9  AIB AIB A . n 
A 1 9 LEU 9 10 10 LEU LEU A . n 
# 
loop_
_pdbx_entity_instance_feature.ordinal 
_pdbx_entity_instance_feature.comp_id 
_pdbx_entity_instance_feature.asym_id 
_pdbx_entity_instance_feature.seq_num 
_pdbx_entity_instance_feature.auth_comp_id 
_pdbx_entity_instance_feature.auth_asym_id 
_pdbx_entity_instance_feature.auth_seq_num 
_pdbx_entity_instance_feature.feature_type 
_pdbx_entity_instance_feature.details 
1 I6W ? ? I6W ? ? 'SUBJECT OF INVESTIGATION' ? 
2 I77 ? ? I77 ? ? 'SUBJECT OF INVESTIGATION' ? 
3 PYJ ? ? PYJ ? ? 'SUBJECT OF INVESTIGATION' ? 
4 AIB ? ? AIB ? ? 'SUBJECT OF INVESTIGATION' ? 
# 
loop_
_pdbx_nonpoly_scheme.asym_id 
_pdbx_nonpoly_scheme.entity_id 
_pdbx_nonpoly_scheme.mon_id 
_pdbx_nonpoly_scheme.ndb_seq_num 
_pdbx_nonpoly_scheme.pdb_seq_num 
_pdbx_nonpoly_scheme.auth_seq_num 
_pdbx_nonpoly_scheme.pdb_mon_id 
_pdbx_nonpoly_scheme.auth_mon_id 
_pdbx_nonpoly_scheme.pdb_strand_id 
_pdbx_nonpoly_scheme.pdb_ins_code 
B 2 I77 1 101 11 I77 BPH A . 
C 3 I6W 1 102 1  I6W BPE A . 
D 4 PYJ 1 103 1  PYJ LIG A . 
E 4 PYJ 1 104 2  PYJ LIG A . 
F 4 PYJ 1 105 3  PYJ LIG A . 
G 4 PYJ 1 106 4  PYJ LIG A . 
# 
loop_
_software.citation_id 
_software.classification 
_software.compiler_name 
_software.compiler_version 
_software.contact_author 
_software.contact_author_email 
_software.date 
_software.description 
_software.dependencies 
_software.hardware 
_software.language 
_software.location 
_software.mods 
_software.name 
_software.os 
_software.os_version 
_software.type 
_software.version 
_software.pdbx_ordinal 
? refinement       ? ? ? ? ? ? ? ? ? ? ? PHENIX ? ? ? 1.20.1_4487 1 
? 'data reduction' ? ? ? ? ? ? ? ? ? ? ? XDS    ? ? ? .           2 
? 'data scaling'   ? ? ? ? ? ? ? ? ? ? ? XDS    ? ? ? .           3 
? phasing          ? ? ? ? ? ? ? ? ? ? ? PHASER ? ? ? .           4 
# 
_cell.angle_alpha                  90.000 
_cell.angle_alpha_esd              ? 
_cell.angle_beta                   101.000 
_cell.angle_beta_esd               ? 
_cell.angle_gamma                  90.000 
_cell.angle_gamma_esd              ? 
_cell.entry_id                     9BZZ 
_cell.details                      ? 
_cell.formula_units_Z              ? 
_cell.length_a                     13.986 
_cell.length_a_esd                 ? 
_cell.length_b                     13.532 
_cell.length_b_esd                 ? 
_cell.length_c                     28.790 
_cell.length_c_esd                 ? 
_cell.volume                       5348.645 
_cell.volume_esd                   ? 
_cell.Z_PDB                        2 
_cell.reciprocal_angle_alpha       ? 
_cell.reciprocal_angle_beta        ? 
_cell.reciprocal_angle_gamma       ? 
_cell.reciprocal_angle_alpha_esd   ? 
_cell.reciprocal_angle_beta_esd    ? 
_cell.reciprocal_angle_gamma_esd   ? 
_cell.reciprocal_length_a          ? 
_cell.reciprocal_length_b          ? 
_cell.reciprocal_length_c          ? 
_cell.reciprocal_length_a_esd      ? 
_cell.reciprocal_length_b_esd      ? 
_cell.reciprocal_length_c_esd      ? 
_cell.pdbx_unique_axis             ? 
_cell.pdbx_esd_method              ? 
# 
_symmetry.entry_id                         9BZZ 
_symmetry.cell_setting                     ? 
_symmetry.Int_Tables_number                4 
_symmetry.space_group_name_Hall            'P 2yb' 
_symmetry.space_group_name_H-M             'P 1 21 1' 
_symmetry.pdbx_full_space_group_name_H-M   ? 
# 
_exptl.absorpt_coefficient_mu     ? 
_exptl.absorpt_correction_T_max   ? 
_exptl.absorpt_correction_T_min   ? 
_exptl.absorpt_correction_type    ? 
_exptl.absorpt_process_details    ? 
_exptl.entry_id                   9BZZ 
_exptl.crystals_number            1 
_exptl.details                    ? 
_exptl.method                     'X-RAY DIFFRACTION' 
_exptl.method_details             ? 
# 
_exptl_crystal.colour                       ? 
_exptl_crystal.density_diffrn               ? 
_exptl_crystal.density_Matthews             1.46 
_exptl_crystal.density_method               ? 
_exptl_crystal.density_percent_sol          15.56 
_exptl_crystal.description                  ? 
_exptl_crystal.F_000                        ? 
_exptl_crystal.id                           1 
_exptl_crystal.preparation                  ? 
_exptl_crystal.size_max                     ? 
_exptl_crystal.size_mid                     ? 
_exptl_crystal.size_min                     ? 
_exptl_crystal.size_rad                     ? 
_exptl_crystal.colour_lustre                ? 
_exptl_crystal.colour_modifier              ? 
_exptl_crystal.colour_primary               ? 
_exptl_crystal.density_meas                 ? 
_exptl_crystal.density_meas_esd             ? 
_exptl_crystal.density_meas_gt              ? 
_exptl_crystal.density_meas_lt              ? 
_exptl_crystal.density_meas_temp            ? 
_exptl_crystal.density_meas_temp_esd        ? 
_exptl_crystal.density_meas_temp_gt         ? 
_exptl_crystal.density_meas_temp_lt         ? 
_exptl_crystal.pdbx_crystal_image_url       ? 
_exptl_crystal.pdbx_crystal_image_format    ? 
_exptl_crystal.pdbx_mosaicity               ? 
_exptl_crystal.pdbx_mosaicity_esd           ? 
_exptl_crystal.pdbx_mosaic_method           ? 
_exptl_crystal.pdbx_mosaic_block_size       ? 
_exptl_crystal.pdbx_mosaic_block_size_esd   ? 
# 
_exptl_crystal_grow.apparatus       ? 
_exptl_crystal_grow.atmosphere      ? 
_exptl_crystal_grow.crystal_id      1 
_exptl_crystal_grow.details         ? 
_exptl_crystal_grow.method          'SLOW COOLING' 
_exptl_crystal_grow.method_ref      ? 
_exptl_crystal_grow.pH              ? 
_exptl_crystal_grow.pressure        ? 
_exptl_crystal_grow.pressure_esd    ? 
_exptl_crystal_grow.seeding         ? 
_exptl_crystal_grow.seeding_ref     ? 
_exptl_crystal_grow.temp_details    ? 
_exptl_crystal_grow.temp_esd        ? 
_exptl_crystal_grow.time            ? 
_exptl_crystal_grow.pdbx_details    'acetonitrile and water' 
_exptl_crystal_grow.pdbx_pH_range   ? 
_exptl_crystal_grow.temp            298 
# 
_diffrn.ambient_environment              ? 
_diffrn.ambient_temp                     100 
_diffrn.ambient_temp_details             ? 
_diffrn.ambient_temp_esd                 ? 
_diffrn.crystal_id                       1 
_diffrn.crystal_support                  ? 
_diffrn.crystal_treatment                ? 
_diffrn.details                          ? 
_diffrn.id                               1 
_diffrn.ambient_pressure                 ? 
_diffrn.ambient_pressure_esd             ? 
_diffrn.ambient_pressure_gt              ? 
_diffrn.ambient_pressure_lt              ? 
_diffrn.ambient_temp_gt                  ? 
_diffrn.ambient_temp_lt                  ? 
_diffrn.pdbx_serial_crystal_experiment   N 
# 
_diffrn_detector.details                      ? 
_diffrn_detector.detector                     PIXEL 
_diffrn_detector.diffrn_id                    1 
_diffrn_detector.type                         'DECTRIS EIGER X 9M' 
_diffrn_detector.area_resol_mean              ? 
_diffrn_detector.dtime                        ? 
_diffrn_detector.pdbx_frames_total            ? 
_diffrn_detector.pdbx_collection_time_total   ? 
_diffrn_detector.pdbx_collection_date         2022-09-25 
_diffrn_detector.pdbx_frequency               ? 
_diffrn_detector.id                           ? 
_diffrn_detector.number_of_axes               ? 
# 
_diffrn_radiation.collimation                      ? 
_diffrn_radiation.diffrn_id                        1 
_diffrn_radiation.filter_edge                      ? 
_diffrn_radiation.inhomogeneity                    ? 
_diffrn_radiation.monochromator                    ? 
_diffrn_radiation.polarisn_norm                    ? 
_diffrn_radiation.polarisn_ratio                   ? 
_diffrn_radiation.probe                            ? 
_diffrn_radiation.type                             ? 
_diffrn_radiation.xray_symbol                      ? 
_diffrn_radiation.wavelength_id                    1 
_diffrn_radiation.pdbx_monochromatic_or_laue_m_l   M 
_diffrn_radiation.pdbx_wavelength_list             ? 
_diffrn_radiation.pdbx_wavelength                  ? 
_diffrn_radiation.pdbx_diffrn_protocol             'SINGLE WAVELENGTH' 
_diffrn_radiation.pdbx_analyzer                    ? 
_diffrn_radiation.pdbx_scattering_type             x-ray 
# 
_diffrn_radiation_wavelength.id           1 
_diffrn_radiation_wavelength.wavelength   0.688839 
_diffrn_radiation_wavelength.wt           1.0 
# 
_diffrn_source.current                     ? 
_diffrn_source.details                     ? 
_diffrn_source.diffrn_id                   1 
_diffrn_source.power                       ? 
_diffrn_source.size                        ? 
_diffrn_source.source                      SYNCHROTRON 
_diffrn_source.target                      ? 
_diffrn_source.type                        'APS BEAMLINE 21-ID-D' 
_diffrn_source.voltage                     ? 
_diffrn_source.take-off_angle              ? 
_diffrn_source.pdbx_wavelength_list        0.688839 
_diffrn_source.pdbx_wavelength             ? 
_diffrn_source.pdbx_synchrotron_beamline   21-ID-D 
_diffrn_source.pdbx_synchrotron_site       APS 
# 
_reflns.B_iso_Wilson_estimate                          4.81 
_reflns.entry_id                                       9BZZ 
_reflns.data_reduction_details                         ? 
_reflns.data_reduction_method                          ? 
_reflns.d_resolution_high                              0.81 
_reflns.d_resolution_low                               13.73 
_reflns.details                                        ? 
_reflns.limit_h_max                                    ? 
_reflns.limit_h_min                                    ? 
_reflns.limit_k_max                                    ? 
_reflns.limit_k_min                                    ? 
_reflns.limit_l_max                                    ? 
_reflns.limit_l_min                                    ? 
_reflns.number_all                                     ? 
_reflns.number_obs                                     10819 
_reflns.observed_criterion                             ? 
_reflns.observed_criterion_F_max                       ? 
_reflns.observed_criterion_F_min                       ? 
_reflns.observed_criterion_I_max                       ? 
_reflns.observed_criterion_I_min                       ? 
_reflns.observed_criterion_sigma_F                     ? 
_reflns.observed_criterion_sigma_I                     ? 
_reflns.percent_possible_obs                           98.20 
_reflns.R_free_details                                 ? 
_reflns.Rmerge_F_all                                   ? 
_reflns.Rmerge_F_obs                                   ? 
_reflns.Friedel_coverage                               ? 
_reflns.number_gt                                      ? 
_reflns.threshold_expression                           ? 
_reflns.pdbx_redundancy                                6.3 
_reflns.pdbx_netI_over_av_sigmaI                       ? 
_reflns.pdbx_netI_over_sigmaI                          19.17 
_reflns.pdbx_res_netI_over_av_sigmaI_2                 ? 
_reflns.pdbx_res_netI_over_sigmaI_2                    ? 
_reflns.pdbx_chi_squared                               ? 
_reflns.pdbx_scaling_rejects                           ? 
_reflns.pdbx_d_res_high_opt                            ? 
_reflns.pdbx_d_res_low_opt                             ? 
_reflns.pdbx_d_res_opt_method                          ? 
_reflns.phase_calculation_details                      ? 
_reflns.pdbx_Rrim_I_all                                ? 
_reflns.pdbx_Rpim_I_all                                ? 
_reflns.pdbx_d_opt                                     ? 
_reflns.pdbx_number_measured_all                       ? 
_reflns.pdbx_diffrn_id                                 1 
_reflns.pdbx_ordinal                                   1 
_reflns.pdbx_CC_half                                   0.997 
_reflns.pdbx_CC_star                                   ? 
_reflns.pdbx_R_split                                   ? 
_reflns.pdbx_Rmerge_I_obs                              ? 
_reflns.pdbx_Rmerge_I_all                              ? 
_reflns.pdbx_Rsym_value                                ? 
_reflns.pdbx_CC_split_method                           ? 
_reflns.pdbx_aniso_diffraction_limit_axis_1_ortho[1]   ? 
_reflns.pdbx_aniso_diffraction_limit_axis_1_ortho[2]   ? 
_reflns.pdbx_aniso_diffraction_limit_axis_1_ortho[3]   ? 
_reflns.pdbx_aniso_diffraction_limit_axis_2_ortho[1]   ? 
_reflns.pdbx_aniso_diffraction_limit_axis_2_ortho[2]   ? 
_reflns.pdbx_aniso_diffraction_limit_axis_2_ortho[3]   ? 
_reflns.pdbx_aniso_diffraction_limit_axis_3_ortho[1]   ? 
_reflns.pdbx_aniso_diffraction_limit_axis_3_ortho[2]   ? 
_reflns.pdbx_aniso_diffraction_limit_axis_3_ortho[3]   ? 
_reflns.pdbx_aniso_diffraction_limit_1                 ? 
_reflns.pdbx_aniso_diffraction_limit_2                 ? 
_reflns.pdbx_aniso_diffraction_limit_3                 ? 
_reflns.pdbx_aniso_B_tensor_eigenvector_1_ortho[1]     ? 
_reflns.pdbx_aniso_B_tensor_eigenvector_1_ortho[2]     ? 
_reflns.pdbx_aniso_B_tensor_eigenvector_1_ortho[3]     ? 
_reflns.pdbx_aniso_B_tensor_eigenvector_2_ortho[1]     ? 
_reflns.pdbx_aniso_B_tensor_eigenvector_2_ortho[2]     ? 
_reflns.pdbx_aniso_B_tensor_eigenvector_2_ortho[3]     ? 
_reflns.pdbx_aniso_B_tensor_eigenvector_3_ortho[1]     ? 
_reflns.pdbx_aniso_B_tensor_eigenvector_3_ortho[2]     ? 
_reflns.pdbx_aniso_B_tensor_eigenvector_3_ortho[3]     ? 
_reflns.pdbx_aniso_B_tensor_eigenvalue_1               ? 
_reflns.pdbx_aniso_B_tensor_eigenvalue_2               ? 
_reflns.pdbx_aniso_B_tensor_eigenvalue_3               ? 
_reflns.pdbx_orthogonalization_convention              ? 
_reflns.pdbx_percent_possible_ellipsoidal              ? 
_reflns.pdbx_percent_possible_spherical                ? 
_reflns.pdbx_percent_possible_ellipsoidal_anomalous    ? 
_reflns.pdbx_percent_possible_spherical_anomalous      ? 
_reflns.pdbx_redundancy_anomalous                      ? 
_reflns.pdbx_CC_half_anomalous                         ? 
_reflns.pdbx_absDiff_over_sigma_anomalous              ? 
_reflns.pdbx_percent_possible_anomalous                ? 
_reflns.pdbx_observed_signal_threshold                 ? 
_reflns.pdbx_signal_type                               ? 
_reflns.pdbx_signal_details                            ? 
_reflns.pdbx_signal_software_id                        ? 
# 
_reflns_shell.d_res_high                                    0.81 
_reflns_shell.d_res_low                                     0.839 
_reflns_shell.meanI_over_sigI_all                           ? 
_reflns_shell.meanI_over_sigI_obs                           ? 
_reflns_shell.number_measured_all                           ? 
_reflns_shell.number_measured_obs                           ? 
_reflns_shell.number_possible                               ? 
_reflns_shell.number_unique_all                             ? 
_reflns_shell.number_unique_obs                             1072 
_reflns_shell.percent_possible_obs                          ? 
_reflns_shell.Rmerge_F_all                                  ? 
_reflns_shell.Rmerge_F_obs                                  ? 
_reflns_shell.meanI_over_sigI_gt                            ? 
_reflns_shell.meanI_over_uI_all                             ? 
_reflns_shell.meanI_over_uI_gt                              ? 
_reflns_shell.number_measured_gt                            ? 
_reflns_shell.number_unique_gt                              ? 
_reflns_shell.percent_possible_gt                           ? 
_reflns_shell.Rmerge_F_gt                                   ? 
_reflns_shell.Rmerge_I_gt                                   ? 
_reflns_shell.pdbx_redundancy                               ? 
_reflns_shell.pdbx_chi_squared                              ? 
_reflns_shell.pdbx_netI_over_sigmaI_all                     ? 
_reflns_shell.pdbx_netI_over_sigmaI_obs                     ? 
_reflns_shell.pdbx_Rrim_I_all                               ? 
_reflns_shell.pdbx_Rpim_I_all                               ? 
_reflns_shell.pdbx_rejects                                  ? 
_reflns_shell.pdbx_ordinal                                  1 
_reflns_shell.pdbx_diffrn_id                                1 
_reflns_shell.pdbx_CC_half                                  0.98 
_reflns_shell.pdbx_CC_star                                  ? 
_reflns_shell.pdbx_R_split                                  ? 
_reflns_shell.percent_possible_all                          ? 
_reflns_shell.Rmerge_I_all                                  ? 
_reflns_shell.Rmerge_I_obs                                  ? 
_reflns_shell.pdbx_Rsym_value                               ? 
_reflns_shell.pdbx_percent_possible_ellipsoidal             ? 
_reflns_shell.pdbx_percent_possible_spherical               ? 
_reflns_shell.pdbx_percent_possible_ellipsoidal_anomalous   ? 
_reflns_shell.pdbx_percent_possible_spherical_anomalous     ? 
_reflns_shell.pdbx_redundancy_anomalous                     ? 
_reflns_shell.pdbx_CC_half_anomalous                        ? 
_reflns_shell.pdbx_absDiff_over_sigma_anomalous             ? 
_reflns_shell.pdbx_percent_possible_anomalous               ? 
# 
_refine.aniso_B[1][1]                            ? 
_refine.aniso_B[1][2]                            ? 
_refine.aniso_B[1][3]                            ? 
_refine.aniso_B[2][2]                            ? 
_refine.aniso_B[2][3]                            ? 
_refine.aniso_B[3][3]                            ? 
_refine.B_iso_max                                ? 
_refine.B_iso_mean                               6.47 
_refine.B_iso_min                                ? 
_refine.correlation_coeff_Fo_to_Fc               ? 
_refine.correlation_coeff_Fo_to_Fc_free          ? 
_refine.details                                  ? 
_refine.diff_density_max                         ? 
_refine.diff_density_max_esd                     ? 
_refine.diff_density_min                         ? 
_refine.diff_density_min_esd                     ? 
_refine.diff_density_rms                         ? 
_refine.diff_density_rms_esd                     ? 
_refine.entry_id                                 9BZZ 
_refine.pdbx_refine_id                           'X-RAY DIFFRACTION' 
_refine.ls_abs_structure_details                 ? 
_refine.ls_abs_structure_Flack                   ? 
_refine.ls_abs_structure_Flack_esd               ? 
_refine.ls_abs_structure_Rogers                  ? 
_refine.ls_abs_structure_Rogers_esd              ? 
_refine.ls_d_res_high                            0.81 
_refine.ls_d_res_low                             13.73 
_refine.ls_extinction_coef                       ? 
_refine.ls_extinction_coef_esd                   ? 
_refine.ls_extinction_expression                 ? 
_refine.ls_extinction_method                     ? 
_refine.ls_goodness_of_fit_all                   ? 
_refine.ls_goodness_of_fit_all_esd               ? 
_refine.ls_goodness_of_fit_obs                   ? 
_refine.ls_goodness_of_fit_obs_esd               ? 
_refine.ls_hydrogen_treatment                    ? 
_refine.ls_matrix_type                           ? 
_refine.ls_number_constraints                    ? 
_refine.ls_number_parameters                     ? 
_refine.ls_number_reflns_all                     ? 
_refine.ls_number_reflns_obs                     10819 
_refine.ls_number_reflns_R_free                  2052 
_refine.ls_number_reflns_R_work                  18273 
_refine.ls_number_restraints                     ? 
_refine.ls_percent_reflns_obs                    96.46 
_refine.ls_percent_reflns_R_free                 10.10 
_refine.ls_R_factor_all                          ? 
_refine.ls_R_factor_obs                          0.0995 
_refine.ls_R_factor_R_free                       0.1024 
_refine.ls_R_factor_R_free_error                 ? 
_refine.ls_R_factor_R_free_error_details         ? 
_refine.ls_R_factor_R_work                       0.0991 
_refine.ls_R_Fsqd_factor_obs                     ? 
_refine.ls_R_I_factor_obs                        ? 
_refine.ls_redundancy_reflns_all                 ? 
_refine.ls_redundancy_reflns_obs                 ? 
_refine.ls_restrained_S_all                      ? 
_refine.ls_restrained_S_obs                      ? 
_refine.ls_shift_over_esd_max                    ? 
_refine.ls_shift_over_esd_mean                   ? 
_refine.ls_structure_factor_coef                 ? 
_refine.ls_weighting_details                     ? 
_refine.ls_weighting_scheme                      ? 
_refine.ls_wR_factor_all                         ? 
_refine.ls_wR_factor_obs                         ? 
_refine.ls_wR_factor_R_free                      ? 
_refine.ls_wR_factor_R_work                      ? 
_refine.occupancy_max                            ? 
_refine.occupancy_min                            ? 
_refine.solvent_model_details                    'FLAT BULK SOLVENT MODEL' 
_refine.solvent_model_param_bsol                 ? 
_refine.solvent_model_param_ksol                 ? 
_refine.pdbx_R_complete                          ? 
_refine.ls_R_factor_gt                           ? 
_refine.ls_goodness_of_fit_gt                    ? 
_refine.ls_goodness_of_fit_ref                   ? 
_refine.ls_shift_over_su_max                     ? 
_refine.ls_shift_over_su_max_lt                  ? 
_refine.ls_shift_over_su_mean                    ? 
_refine.ls_shift_over_su_mean_lt                 ? 
_refine.pdbx_ls_sigma_I                          ? 
_refine.pdbx_ls_sigma_F                          1.35 
_refine.pdbx_ls_sigma_Fsqd                       ? 
_refine.pdbx_data_cutoff_high_absF               ? 
_refine.pdbx_data_cutoff_high_rms_absF           ? 
_refine.pdbx_data_cutoff_low_absF                ? 
_refine.pdbx_isotropic_thermal_model             ? 
_refine.pdbx_ls_cross_valid_method               'FREE R-VALUE' 
_refine.pdbx_method_to_determine_struct          'MOLECULAR REPLACEMENT' 
_refine.pdbx_starting_model                      ? 
_refine.pdbx_stereochemistry_target_values       'GeoStd + Monomer Library + CDL v1.2' 
_refine.pdbx_R_Free_selection_details            ? 
_refine.pdbx_stereochem_target_val_spec_case     ? 
_refine.pdbx_overall_ESU_R                       ? 
_refine.pdbx_overall_ESU_R_Free                  ? 
_refine.pdbx_solvent_vdw_probe_radii             1.1000 
_refine.pdbx_solvent_ion_probe_radii             ? 
_refine.pdbx_solvent_shrinkage_radii             0.9000 
_refine.pdbx_real_space_R                        ? 
_refine.pdbx_density_correlation                 ? 
_refine.pdbx_pd_number_of_powder_patterns        ? 
_refine.pdbx_pd_number_of_points                 ? 
_refine.pdbx_pd_meas_number_of_points            ? 
_refine.pdbx_pd_proc_ls_prof_R_factor            ? 
_refine.pdbx_pd_proc_ls_prof_wR_factor           ? 
_refine.pdbx_pd_Marquardt_correlation_coeff      ? 
_refine.pdbx_pd_Fsqrd_R_factor                   ? 
_refine.pdbx_pd_ls_matrix_band_width             ? 
_refine.pdbx_overall_phase_error                 10.3799 
_refine.pdbx_overall_SU_R_free_Cruickshank_DPI   ? 
_refine.pdbx_overall_SU_R_free_Blow_DPI          ? 
_refine.pdbx_overall_SU_R_Blow_DPI               ? 
_refine.pdbx_TLS_residual_ADP_flag               ? 
_refine.pdbx_diffrn_id                           1 
_refine.overall_SU_B                             ? 
_refine.overall_SU_ML                            0.0331 
_refine.overall_SU_R_Cruickshank_DPI             ? 
_refine.overall_SU_R_free                        ? 
_refine.overall_FOM_free_R_set                   ? 
_refine.overall_FOM_work_R_set                   ? 
_refine.pdbx_average_fsc_overall                 ? 
_refine.pdbx_average_fsc_work                    ? 
_refine.pdbx_average_fsc_free                    ? 
# 
_refine_hist.pdbx_refine_id                   'X-RAY DIFFRACTION' 
_refine_hist.cycle_id                         LAST 
_refine_hist.details                          ? 
_refine_hist.d_res_high                       0.81 
_refine_hist.d_res_low                        13.73 
_refine_hist.number_atoms_solvent             0 
_refine_hist.number_atoms_total               132 
_refine_hist.number_reflns_all                ? 
_refine_hist.number_reflns_obs                ? 
_refine_hist.number_reflns_R_free             ? 
_refine_hist.number_reflns_R_work             ? 
_refine_hist.R_factor_all                     ? 
_refine_hist.R_factor_obs                     ? 
_refine_hist.R_factor_R_free                  ? 
_refine_hist.R_factor_R_work                  ? 
_refine_hist.pdbx_number_residues_total       ? 
_refine_hist.pdbx_B_iso_mean_ligand           ? 
_refine_hist.pdbx_B_iso_mean_solvent          ? 
_refine_hist.pdbx_number_atoms_protein        81 
_refine_hist.pdbx_number_atoms_nucleic_acid   0 
_refine_hist.pdbx_number_atoms_ligand         51 
_refine_hist.pdbx_number_atoms_lipid          ? 
_refine_hist.pdbx_number_atoms_carb           ? 
_refine_hist.pdbx_pseudo_atom_details         ? 
# 
loop_
_refine_ls_restr.pdbx_refine_id 
_refine_ls_restr.criterion 
_refine_ls_restr.dev_ideal 
_refine_ls_restr.dev_ideal_target 
_refine_ls_restr.number 
_refine_ls_restr.rejects 
_refine_ls_restr.type 
_refine_ls_restr.weight 
_refine_ls_restr.pdbx_restraint_function 
'X-RAY DIFFRACTION' ? 0.0172  ? 250 ? f_bond_d           ? ? 
'X-RAY DIFFRACTION' ? 3.0808  ? 329 ? f_angle_d          ? ? 
'X-RAY DIFFRACTION' ? 0.0491  ? 14  ? f_chiral_restr     ? ? 
'X-RAY DIFFRACTION' ? 0.0126  ? 38  ? f_plane_restr      ? ? 
'X-RAY DIFFRACTION' ? 39.3815 ? 42  ? f_dihedral_angle_d ? ? 
# 
loop_
_refine_ls_shell.pdbx_refine_id 
_refine_ls_shell.d_res_high 
_refine_ls_shell.d_res_low 
_refine_ls_shell.number_reflns_all 
_refine_ls_shell.number_reflns_obs 
_refine_ls_shell.number_reflns_R_free 
_refine_ls_shell.number_reflns_R_work 
_refine_ls_shell.percent_reflns_obs 
_refine_ls_shell.percent_reflns_R_free 
_refine_ls_shell.R_factor_all 
_refine_ls_shell.R_factor_obs 
_refine_ls_shell.R_factor_R_free_error 
_refine_ls_shell.R_factor_R_work 
_refine_ls_shell.redundancy_reflns_all 
_refine_ls_shell.redundancy_reflns_obs 
_refine_ls_shell.wR_factor_all 
_refine_ls_shell.wR_factor_obs 
_refine_ls_shell.wR_factor_R_free 
_refine_ls_shell.wR_factor_R_work 
_refine_ls_shell.pdbx_R_complete 
_refine_ls_shell.pdbx_total_number_of_bins_used 
_refine_ls_shell.pdbx_phase_error 
_refine_ls_shell.pdbx_fsc_work 
_refine_ls_shell.pdbx_fsc_free 
_refine_ls_shell.R_factor_R_free 
'X-RAY DIFFRACTION' 0.81 0.83  . . 129 1158 94.91 . . . . 0.1402 . . . . . . . . . . . 0.1402 
'X-RAY DIFFRACTION' 0.83 0.85  . . 123 1274 95.55 . . . . 0.1233 . . . . . . . . . . . 0.1618 
'X-RAY DIFFRACTION' 0.85 0.87  . . 150 1203 96.57 . . . . 0.1141 . . . . . . . . . . . 0.1413 
'X-RAY DIFFRACTION' 0.87 0.90  . . 131 1197 95.82 . . . . 0.1047 . . . . . . . . . . . 0.1201 
'X-RAY DIFFRACTION' 0.90 0.93  . . 152 1220 96.15 . . . . 0.1039 . . . . . . . . . . . 0.1256 
'X-RAY DIFFRACTION' 0.93 0.96  . . 129 1204 96.18 . . . . 0.0994 . . . . . . . . . . . 0.1028 
'X-RAY DIFFRACTION' 0.96 1.00  . . 128 1207 94.28 . . . . 0.0886 . . . . . . . . . . . 0.0906 
'X-RAY DIFFRACTION' 1.00 1.04  . . 124 1196 94.15 . . . . 0.0782 . . . . . . . . . . . 0.1053 
'X-RAY DIFFRACTION' 1.04 1.10  . . 151 1220 98.42 . . . . 0.0789 . . . . . . . . . . . 0.0924 
'X-RAY DIFFRACTION' 1.10 1.17  . . 145 1244 98.51 . . . . 0.0793 . . . . . . . . . . . 0.0866 
'X-RAY DIFFRACTION' 1.17 1.26  . . 137 1232 98.42 . . . . 0.0775 . . . . . . . . . . . 0.0999 
'X-RAY DIFFRACTION' 1.26 1.38  . . 138 1262 97.43 . . . . 0.0877 . . . . . . . . . . . 0.0941 
'X-RAY DIFFRACTION' 1.38 1.58  . . 134 1182 96.41 . . . . 0.1011 . . . . . . . . . . . 0.0945 
'X-RAY DIFFRACTION' 1.59 2.00  . . 142 1220 94.78 . . . . 0.1062 . . . . . . . . . . . 0.1070 
'X-RAY DIFFRACTION' 2.00 13.73 . . 139 1254 99.86 . . . . 0.1124 . . . . . . . . . . . 0.0981 
# 
_struct.entry_id                     9BZZ 
_struct.title                        'UIC-1 peptide bound with ethylbenzene' 
_struct.pdbx_model_details           ? 
_struct.pdbx_formula_weight          ? 
_struct.pdbx_formula_weight_method   ? 
_struct.pdbx_model_type_details      ? 
_struct.pdbx_CASP_flag               N 
# 
_struct_keywords.entry_id        9BZZ 
_struct_keywords.text            'synthetic construct, DE NOVO PROTEIN' 
_struct_keywords.pdbx_keywords   'DE NOVO PROTEIN' 
# 
loop_
_struct_asym.id 
_struct_asym.pdbx_blank_PDB_chainid_flag 
_struct_asym.pdbx_modified 
_struct_asym.entity_id 
_struct_asym.details 
A N N 1 ? 
B N N 2 ? 
C N N 3 ? 
D N N 4 ? 
E N N 4 ? 
F N N 4 ? 
G N N 4 ? 
# 
_struct_ref.id                         1 
_struct_ref.db_name                    PDB 
_struct_ref.db_code                    9BZZ 
_struct_ref.pdbx_db_accession          9BZZ 
_struct_ref.pdbx_db_isoform            ? 
_struct_ref.entity_id                  1 
_struct_ref.pdbx_seq_one_letter_code   ? 
_struct_ref.pdbx_align_begin           1 
# 
_struct_ref_seq.align_id                      1 
_struct_ref_seq.ref_id                        1 
_struct_ref_seq.pdbx_PDB_id_code              9BZZ 
_struct_ref_seq.pdbx_strand_id                A 
_struct_ref_seq.seq_align_beg                 1 
_struct_ref_seq.pdbx_seq_align_beg_ins_code   ? 
_struct_ref_seq.seq_align_end                 9 
_struct_ref_seq.pdbx_seq_align_end_ins_code   ? 
_struct_ref_seq.pdbx_db_accession             9BZZ 
_struct_ref_seq.db_align_beg                  2 
_struct_ref_seq.pdbx_db_align_beg_ins_code    ? 
_struct_ref_seq.db_align_end                  10 
_struct_ref_seq.pdbx_db_align_end_ins_code    ? 
_struct_ref_seq.pdbx_auth_seq_align_beg       2 
_struct_ref_seq.pdbx_auth_seq_align_end       10 
# 
_pdbx_struct_assembly.id                   1 
_pdbx_struct_assembly.details              author_and_software_defined_assembly 
_pdbx_struct_assembly.method_details       PISA 
_pdbx_struct_assembly.oligomeric_details   monomeric 
_pdbx_struct_assembly.oligomeric_count     1 
# 
_pdbx_struct_assembly_gen.assembly_id       1 
_pdbx_struct_assembly_gen.oper_expression   1 
_pdbx_struct_assembly_gen.asym_id_list      A,B,C,D,E,F,G 
# 
_pdbx_struct_assembly_auth_evidence.id                     1 
_pdbx_struct_assembly_auth_evidence.assembly_id            1 
_pdbx_struct_assembly_auth_evidence.experimental_support   'NMR Distance Restraints' 
_pdbx_struct_assembly_auth_evidence.details                ? 
# 
_pdbx_struct_oper_list.id                   1 
_pdbx_struct_oper_list.type                 'identity operation' 
_pdbx_struct_oper_list.name                 1_555 
_pdbx_struct_oper_list.symmetry_operation   x,y,z 
_pdbx_struct_oper_list.matrix[1][1]         1.0000000000 
_pdbx_struct_oper_list.matrix[1][2]         0.0000000000 
_pdbx_struct_oper_list.matrix[1][3]         0.0000000000 
_pdbx_struct_oper_list.vector[1]            0.0000000000 
_pdbx_struct_oper_list.matrix[2][1]         0.0000000000 
_pdbx_struct_oper_list.matrix[2][2]         1.0000000000 
_pdbx_struct_oper_list.matrix[2][3]         0.0000000000 
_pdbx_struct_oper_list.vector[2]            0.0000000000 
_pdbx_struct_oper_list.matrix[3][1]         0.0000000000 
_pdbx_struct_oper_list.matrix[3][2]         0.0000000000 
_pdbx_struct_oper_list.matrix[3][3]         1.0000000000 
_pdbx_struct_oper_list.vector[3]            0.0000000000 
# 
_struct_conf.conf_type_id            HELX_P 
_struct_conf.id                      HELX_P1 
_struct_conf.pdbx_PDB_helix_id       AA1 
_struct_conf.beg_label_comp_id       LEU 
_struct_conf.beg_label_asym_id       A 
_struct_conf.beg_label_seq_id        1 
_struct_conf.pdbx_beg_PDB_ins_code   ? 
_struct_conf.end_label_comp_id       GLN 
_struct_conf.end_label_asym_id       A 
_struct_conf.end_label_seq_id        7 
_struct_conf.pdbx_end_PDB_ins_code   ? 
_struct_conf.beg_auth_comp_id        LEU 
_struct_conf.beg_auth_asym_id        A 
_struct_conf.beg_auth_seq_id         2 
_struct_conf.end_auth_comp_id        GLN 
_struct_conf.end_auth_asym_id        A 
_struct_conf.end_auth_seq_id         8 
_struct_conf.pdbx_PDB_helix_class    1 
_struct_conf.details                 ? 
_struct_conf.pdbx_PDB_helix_length   7 
# 
_struct_conf_type.id          HELX_P 
_struct_conf_type.criteria    ? 
_struct_conf_type.reference   ? 
# 
loop_
_struct_conn.id 
_struct_conn.conn_type_id 
_struct_conn.pdbx_leaving_atom_flag 
_struct_conn.pdbx_PDB_id 
_struct_conn.ptnr1_label_asym_id 
_struct_conn.ptnr1_label_comp_id 
_struct_conn.ptnr1_label_seq_id 
_struct_conn.ptnr1_label_atom_id 
_struct_conn.pdbx_ptnr1_label_alt_id 
_struct_conn.pdbx_ptnr1_PDB_ins_code 
_struct_conn.pdbx_ptnr1_standard_comp_id 
_struct_conn.ptnr1_symmetry 
_struct_conn.ptnr2_label_asym_id 
_struct_conn.ptnr2_label_comp_id 
_struct_conn.ptnr2_label_seq_id 
_struct_conn.ptnr2_label_atom_id 
_struct_conn.pdbx_ptnr2_label_alt_id 
_struct_conn.pdbx_ptnr2_PDB_ins_code 
_struct_conn.ptnr1_auth_asym_id 
_struct_conn.ptnr1_auth_comp_id 
_struct_conn.ptnr1_auth_seq_id 
_struct_conn.ptnr2_auth_asym_id 
_struct_conn.ptnr2_auth_comp_id 
_struct_conn.ptnr2_auth_seq_id 
_struct_conn.ptnr2_symmetry 
_struct_conn.pdbx_ptnr3_label_atom_id 
_struct_conn.pdbx_ptnr3_label_seq_id 
_struct_conn.pdbx_ptnr3_label_comp_id 
_struct_conn.pdbx_ptnr3_label_asym_id 
_struct_conn.pdbx_ptnr3_label_alt_id 
_struct_conn.pdbx_ptnr3_PDB_ins_code 
_struct_conn.details 
_struct_conn.pdbx_dist_value 
_struct_conn.pdbx_value_order 
_struct_conn.pdbx_role 
covale1  covale both ? A LEU 1 C   A ? ? 1_555 A AIB 2 N   ? ? A LEU 2   A AIB 3   1_555 ? ? ? ? ? ? ? 1.340 ? ? 
covale2  covale both ? A LEU 1 C   B ? ? 1_555 A AIB 2 N   ? ? A LEU 2   A AIB 3   1_555 ? ? ? ? ? ? ? 1.338 ? ? 
covale3  covale both ? A LEU 1 N   A ? ? 1_555 C I6W . C02 A ? A LEU 2   A I6W 102 1_555 ? ? ? ? ? ? ? 1.398 ? ? 
covale4  covale both ? A LEU 1 N   B ? ? 1_555 C I6W . C02 B ? A LEU 2   A I6W 102 1_555 ? ? ? ? ? ? ? 1.429 ? ? 
covale5  covale both ? A AIB 2 C   ? ? ? 1_555 A ALA 3 N   ? ? A AIB 3   A ALA 4   1_555 ? ? ? ? ? ? ? 1.333 ? ? 
covale6  covale both ? A ALA 3 C   ? ? ? 1_555 A AIB 4 N   ? ? A ALA 4   A AIB 5   1_555 ? ? ? ? ? ? ? 1.329 ? ? 
covale7  covale both ? A AIB 4 C   ? ? ? 1_555 A LEU 5 N   A ? A AIB 5   A LEU 6   1_555 ? ? ? ? ? ? ? 1.339 ? ? 
covale8  covale both ? A AIB 4 C   ? ? ? 1_555 A LEU 5 N   B ? A AIB 5   A LEU 6   1_555 ? ? ? ? ? ? ? 1.334 ? ? 
covale9  covale both ? A LEU 5 C   A ? ? 1_555 A AIB 6 N   ? ? A LEU 6   A AIB 7   1_555 ? ? ? ? ? ? ? 1.338 ? ? 
covale10 covale both ? A LEU 5 C   B ? ? 1_555 A AIB 6 N   ? ? A LEU 6   A AIB 7   1_555 ? ? ? ? ? ? ? 1.336 ? ? 
covale11 covale both ? A AIB 6 C   ? ? ? 1_555 A GLN 7 N   ? ? A AIB 7   A GLN 8   1_555 ? ? ? ? ? ? ? 1.342 ? ? 
covale12 covale both ? A GLN 7 C   ? ? ? 1_555 A AIB 8 N   ? ? A GLN 8   A AIB 9   1_555 ? ? ? ? ? ? ? 1.341 ? ? 
covale13 covale both ? A AIB 8 C   ? ? ? 1_555 A LEU 9 N   A ? A AIB 9   A LEU 10  1_555 ? ? ? ? ? ? ? 1.345 ? ? 
covale14 covale both ? A AIB 8 C   ? ? ? 1_555 A LEU 9 N   B ? A AIB 9   A LEU 10  1_555 ? ? ? ? ? ? ? 1.330 ? ? 
covale15 covale both ? A LEU 9 C   A ? ? 1_555 B I77 . N15 A ? A LEU 10  A I77 101 1_555 ? ? ? ? ? ? ? 1.380 ? ? 
covale16 covale both ? A LEU 9 C   B ? ? 1_555 B I77 . N15 B ? A LEU 10  A I77 101 1_555 ? ? ? ? ? ? ? 1.427 ? ? 
covale17 covale none ? C I6W . O14 B ? ? 1_555 F PYJ . CG  B ? A I6W 102 A PYJ 105 1_655 ? ? ? ? ? ? ? 1.407 ? ? 
# 
_struct_conn_type.id          covale 
_struct_conn_type.criteria    ? 
_struct_conn_type.reference   ? 
# 
loop_
_pdbx_modification_feature.ordinal 
_pdbx_modification_feature.label_comp_id 
_pdbx_modification_feature.label_asym_id 
_pdbx_modification_feature.label_seq_id 
_pdbx_modification_feature.label_alt_id 
_pdbx_modification_feature.modified_residue_label_comp_id 
_pdbx_modification_feature.modified_residue_label_asym_id 
_pdbx_modification_feature.modified_residue_label_seq_id 
_pdbx_modification_feature.modified_residue_label_alt_id 
_pdbx_modification_feature.auth_comp_id 
_pdbx_modification_feature.auth_asym_id 
_pdbx_modification_feature.auth_seq_id 
_pdbx_modification_feature.PDB_ins_code 
_pdbx_modification_feature.symmetry 
_pdbx_modification_feature.modified_residue_auth_comp_id 
_pdbx_modification_feature.modified_residue_auth_asym_id 
_pdbx_modification_feature.modified_residue_auth_seq_id 
_pdbx_modification_feature.modified_residue_PDB_ins_code 
_pdbx_modification_feature.modified_residue_symmetry 
_pdbx_modification_feature.comp_id_linking_atom 
_pdbx_modification_feature.modified_residue_id_linking_atom 
_pdbx_modification_feature.modified_residue_id 
_pdbx_modification_feature.ref_pcm_id 
_pdbx_modification_feature.ref_comp_id 
_pdbx_modification_feature.type 
_pdbx_modification_feature.category 
1 AIB A 2 ? .   . . . AIB A 3   ? 1_555 .   . .  . .     .   . ALA 1 AIB Methylation 'Named protein modification'     
2 AIB A 4 ? .   . . . AIB A 5   ? 1_555 .   . .  . .     .   . ALA 1 AIB Methylation 'Named protein modification'     
3 AIB A 6 ? .   . . . AIB A 7   ? 1_555 .   . .  . .     .   . ALA 1 AIB Methylation 'Named protein modification'     
4 AIB A 8 ? .   . . . AIB A 9   ? 1_555 .   . .  . .     .   . ALA 1 AIB Methylation 'Named protein modification'     
5 I77 B . A LEU A 9 A I77 A 101 ? 1_555 LEU A 10 ? 1_555 N15 C LEU 1 I77 None        'Covalent chemical modification' 
6 I77 B . B LEU A 9 B I77 A 101 ? 1_555 LEU A 10 ? 1_555 N15 C LEU 1 I77 None        'Covalent chemical modification' 
7 I6W C . A LEU A 1 A I6W A 102 ? 1_555 LEU A 2  ? 1_555 C02 N LEU 1 I6W None        'Covalent chemical modification' 
8 I6W C . B LEU A 1 B I6W A 102 ? 1_555 LEU A 2  ? 1_555 C02 N LEU 1 I6W None        'Covalent chemical modification' 
# 
_pdbx_entry_details.entry_id                   9BZZ 
_pdbx_entry_details.nonpolymer_details         ? 
_pdbx_entry_details.sequence_details           ? 
_pdbx_entry_details.compound_details           ? 
_pdbx_entry_details.source_details             ? 
_pdbx_entry_details.has_ligand_of_interest     Y 
_pdbx_entry_details.has_protein_modification   Y 
# 
loop_
_space_group_symop.id 
_space_group_symop.operation_xyz 
1 x,y,z       
2 -x,y+1/2,-z 
# 
loop_
_chem_comp_atom.comp_id 
_chem_comp_atom.atom_id 
_chem_comp_atom.type_symbol 
_chem_comp_atom.pdbx_aromatic_flag 
_chem_comp_atom.pdbx_stereo_config 
_chem_comp_atom.pdbx_ordinal 
AIB N    N N N 1   
AIB CA   C N N 2   
AIB C    C N N 3   
AIB O    O N N 4   
AIB OXT  O N N 5   
AIB CB1  C N N 6   
AIB CB2  C N N 7   
AIB H    H N N 8   
AIB H2   H N N 9   
AIB HXT  H N N 10  
AIB HB11 H N N 11  
AIB HB12 H N N 12  
AIB HB13 H N N 13  
AIB HB21 H N N 14  
AIB HB22 H N N 15  
AIB HB23 H N N 16  
ALA N    N N N 17  
ALA CA   C N S 18  
ALA C    C N N 19  
ALA O    O N N 20  
ALA CB   C N N 21  
ALA OXT  O N N 22  
ALA H    H N N 23  
ALA H2   H N N 24  
ALA HA   H N N 25  
ALA HB1  H N N 26  
ALA HB2  H N N 27  
ALA HB3  H N N 28  
ALA HXT  H N N 29  
GLN N    N N N 30  
GLN CA   C N S 31  
GLN C    C N N 32  
GLN O    O N N 33  
GLN CB   C N N 34  
GLN CG   C N N 35  
GLN CD   C N N 36  
GLN OE1  O N N 37  
GLN NE2  N N N 38  
GLN OXT  O N N 39  
GLN H    H N N 40  
GLN H2   H N N 41  
GLN HA   H N N 42  
GLN HB2  H N N 43  
GLN HB3  H N N 44  
GLN HG2  H N N 45  
GLN HG3  H N N 46  
GLN HE21 H N N 47  
GLN HE22 H N N 48  
GLN HXT  H N N 49  
I6W C05  C Y N 50  
I6W C08  C Y N 51  
I6W C09  C Y N 52  
I6W N10  N Y N 53  
I6W C02  C N N 54  
I6W C03  C Y N 55  
I6W C04  C Y N 56  
I6W C06  C Y N 57  
I6W C11  C Y N 58  
I6W C12  C Y N 59  
I6W C13  C N N 60  
I6W C15  C N N 61  
I6W C16  C N N 62  
I6W C18  C Y N 63  
I6W C19  C Y N 64  
I6W N07  N Y N 65  
I6W O01  O N N 66  
I6W O14  O N N 67  
I6W O17  O N N 68  
I6W H051 H N N 69  
I6W H041 H N N 70  
I6W H061 H N N 71  
I6W H111 H N N 72  
I6W H152 H N N 73  
I6W H151 H N N 74  
I6W H162 H N N 75  
I6W H163 H N N 76  
I6W H161 H N N 77  
I6W H181 H N N 78  
I6W H191 H N N 79  
I6W OXT  O N N 80  
I6W HXT  H N N 81  
I77 C11  C Y N 82  
I77 C12  C Y N 83  
I77 C13  C N N 84  
I77 C17  C Y N 85  
I77 C18  C Y N 86  
I77 C02  C N N 87  
I77 C03  C Y N 88  
I77 C04  C Y N 89  
I77 C05  C Y N 90  
I77 C06  C Y N 91  
I77 C08  C Y N 92  
I77 C09  C Y N 93  
I77 N01  N N N 94  
I77 N07  N Y N 95  
I77 N10  N Y N 96  
I77 N14  N N N 97  
I77 N15  N N N 98  
I77 O16  O N N 99  
I77 O19  O N N 100 
I77 H111 H N N 101 
I77 H171 H N N 102 
I77 H181 H N N 103 
I77 H041 H N N 104 
I77 H051 H N N 105 
I77 H061 H N N 106 
I77 H011 H N N 107 
I77 H012 H N N 108 
I77 H141 H N N 109 
I77 H1   H N N 110 
I77 H2   H N N 111 
LEU N    N N N 112 
LEU CA   C N S 113 
LEU C    C N N 114 
LEU O    O N N 115 
LEU CB   C N N 116 
LEU CG   C N N 117 
LEU CD1  C N N 118 
LEU CD2  C N N 119 
LEU OXT  O N N 120 
LEU H    H N N 121 
LEU H2   H N N 122 
LEU HA   H N N 123 
LEU HB2  H N N 124 
LEU HB3  H N N 125 
LEU HG   H N N 126 
LEU HD11 H N N 127 
LEU HD12 H N N 128 
LEU HD13 H N N 129 
LEU HD21 H N N 130 
LEU HD22 H N N 131 
LEU HD23 H N N 132 
LEU HXT  H N N 133 
PYJ CB   C N N 134 
PYJ CX   C N N 135 
PYJ CG   C Y N 136 
PYJ CD1  C Y N 137 
PYJ CD2  C Y N 138 
PYJ CE1  C Y N 139 
PYJ CE2  C Y N 140 
PYJ CZ   C Y N 141 
PYJ HCB1 H N N 142 
PYJ HCB2 H N N 143 
PYJ HCX1 H N N 144 
PYJ HCX2 H N N 145 
PYJ HCX3 H N N 146 
PYJ HCD1 H N N 147 
PYJ HCD2 H N N 148 
PYJ HCE1 H N N 149 
PYJ HCE2 H N N 150 
PYJ HCZ1 H N N 151 
# 
loop_
_chem_comp_bond.comp_id 
_chem_comp_bond.atom_id_1 
_chem_comp_bond.atom_id_2 
_chem_comp_bond.value_order 
_chem_comp_bond.pdbx_aromatic_flag 
_chem_comp_bond.pdbx_stereo_config 
_chem_comp_bond.pdbx_ordinal 
AIB N   CA   sing N N 1   
AIB N   H    sing N N 2   
AIB N   H2   sing N N 3   
AIB CA  C    sing N N 4   
AIB CA  CB1  sing N N 5   
AIB CA  CB2  sing N N 6   
AIB C   O    doub N N 7   
AIB C   OXT  sing N N 8   
AIB OXT HXT  sing N N 9   
AIB CB1 HB11 sing N N 10  
AIB CB1 HB12 sing N N 11  
AIB CB1 HB13 sing N N 12  
AIB CB2 HB21 sing N N 13  
AIB CB2 HB22 sing N N 14  
AIB CB2 HB23 sing N N 15  
ALA N   CA   sing N N 16  
ALA N   H    sing N N 17  
ALA N   H2   sing N N 18  
ALA CA  C    sing N N 19  
ALA CA  CB   sing N N 20  
ALA CA  HA   sing N N 21  
ALA C   O    doub N N 22  
ALA C   OXT  sing N N 23  
ALA CB  HB1  sing N N 24  
ALA CB  HB2  sing N N 25  
ALA CB  HB3  sing N N 26  
ALA OXT HXT  sing N N 27  
GLN N   CA   sing N N 28  
GLN N   H    sing N N 29  
GLN N   H2   sing N N 30  
GLN CA  C    sing N N 31  
GLN CA  CB   sing N N 32  
GLN CA  HA   sing N N 33  
GLN C   O    doub N N 34  
GLN C   OXT  sing N N 35  
GLN CB  CG   sing N N 36  
GLN CB  HB2  sing N N 37  
GLN CB  HB3  sing N N 38  
GLN CG  CD   sing N N 39  
GLN CG  HG2  sing N N 40  
GLN CG  HG3  sing N N 41  
GLN CD  OE1  doub N N 42  
GLN CD  NE2  sing N N 43  
GLN NE2 HE21 sing N N 44  
GLN NE2 HE22 sing N N 45  
GLN OXT HXT  sing N N 46  
I6W O01 C02  doub N N 47  
I6W C02 C03  sing N N 48  
I6W C03 C06  doub Y N 49  
I6W C03 C04  sing Y N 50  
I6W C06 N07  sing Y N 51  
I6W C04 C05  doub Y N 52  
I6W N07 C08  doub Y N 53  
I6W C05 C08  sing Y N 54  
I6W C08 C09  sing N N 55  
I6W C09 C19  doub Y N 56  
I6W C09 N10  sing Y N 57  
I6W C19 C18  sing Y N 58  
I6W N10 C11  doub Y N 59  
I6W C18 C12  doub Y N 60  
I6W C11 C12  sing Y N 61  
I6W C12 C13  sing N N 62  
I6W C13 O17  doub N N 63  
I6W C13 O14  sing N N 64  
I6W O14 C15  sing N N 65  
I6W C15 C16  sing N N 66  
I6W C05 H051 sing N N 67  
I6W C04 H041 sing N N 68  
I6W C06 H061 sing N N 69  
I6W C11 H111 sing N N 70  
I6W C15 H152 sing N N 71  
I6W C15 H151 sing N N 72  
I6W C16 H162 sing N N 73  
I6W C16 H163 sing N N 74  
I6W C16 H161 sing N N 75  
I6W C18 H181 sing N N 76  
I6W C19 H191 sing N N 77  
I6W C02 OXT  sing N N 78  
I6W OXT HXT  sing N N 79  
I77 N15 N14  sing N N 80  
I77 O16 C13  doub N N 81  
I77 N14 C13  sing N N 82  
I77 C13 C12  sing N N 83  
I77 C12 C17  doub Y N 84  
I77 C12 C11  sing Y N 85  
I77 C17 C18  sing Y N 86  
I77 C11 N10  doub Y N 87  
I77 C18 C09  doub Y N 88  
I77 N10 C09  sing Y N 89  
I77 C09 C08  sing N N 90  
I77 C08 N07  doub Y N 91  
I77 C08 C05  sing Y N 92  
I77 N07 C06  sing Y N 93  
I77 C05 C04  doub Y N 94  
I77 C06 C03  doub Y N 95  
I77 C04 C03  sing Y N 96  
I77 C03 C02  sing N N 97  
I77 C02 N01  sing N N 98  
I77 C02 O19  doub N N 99  
I77 C11 H111 sing N N 100 
I77 C17 H171 sing N N 101 
I77 C18 H181 sing N N 102 
I77 C04 H041 sing N N 103 
I77 C05 H051 sing N N 104 
I77 C06 H061 sing N N 105 
I77 N01 H011 sing N N 106 
I77 N01 H012 sing N N 107 
I77 N14 H141 sing N N 108 
I77 N15 H1   sing N N 109 
I77 N15 H2   sing N N 110 
LEU N   CA   sing N N 111 
LEU N   H    sing N N 112 
LEU N   H2   sing N N 113 
LEU CA  C    sing N N 114 
LEU CA  CB   sing N N 115 
LEU CA  HA   sing N N 116 
LEU C   O    doub N N 117 
LEU C   OXT  sing N N 118 
LEU CB  CG   sing N N 119 
LEU CB  HB2  sing N N 120 
LEU CB  HB3  sing N N 121 
LEU CG  CD1  sing N N 122 
LEU CG  CD2  sing N N 123 
LEU CG  HG   sing N N 124 
LEU CD1 HD11 sing N N 125 
LEU CD1 HD12 sing N N 126 
LEU CD1 HD13 sing N N 127 
LEU CD2 HD21 sing N N 128 
LEU CD2 HD22 sing N N 129 
LEU CD2 HD23 sing N N 130 
LEU OXT HXT  sing N N 131 
PYJ CB  CX   sing N N 132 
PYJ CB  CG   sing N N 133 
PYJ CB  HCB1 sing N N 134 
PYJ CB  HCB2 sing N N 135 
PYJ CX  HCX1 sing N N 136 
PYJ CX  HCX2 sing N N 137 
PYJ CX  HCX3 sing N N 138 
PYJ CG  CD1  doub Y N 139 
PYJ CG  CD2  sing Y N 140 
PYJ CD1 CE1  sing Y N 141 
PYJ CD1 HCD1 sing N N 142 
PYJ CD2 CE2  doub Y N 143 
PYJ CD2 HCD2 sing N N 144 
PYJ CE1 CZ   doub Y N 145 
PYJ CE1 HCE1 sing N N 146 
PYJ CE2 CZ   sing Y N 147 
PYJ CE2 HCE2 sing N N 148 
PYJ CZ  HCZ1 sing N N 149 
# 
_pdbx_audit_support.funding_organization   'Department of Energy (DOE, United States)' 
_pdbx_audit_support.country                'United States' 
_pdbx_audit_support.grant_number           DE-AC02-06CH11357 
_pdbx_audit_support.ordinal                1 
# 
_pdbx_initial_refinement_model.id               1 
_pdbx_initial_refinement_model.entity_id_list   ? 
_pdbx_initial_refinement_model.type             'experimental model' 
_pdbx_initial_refinement_model.source_name      PDB 
_pdbx_initial_refinement_model.accession_code   7TLS 
_pdbx_initial_refinement_model.details          ? 
# 
_space_group.name_H-M_alt     'P 1 21 1' 
_space_group.name_Hall        'P 2yb' 
_space_group.IT_number        4 
_space_group.crystal_system   monoclinic 
_space_group.id               1 
# 
_atom_sites.entry_id                    9BZZ 
_atom_sites.Cartn_transf_matrix[1][1]   ? 
_atom_sites.Cartn_transf_matrix[1][2]   ? 
_atom_sites.Cartn_transf_matrix[1][3]   ? 
_atom_sites.Cartn_transf_matrix[2][1]   ? 
_atom_sites.Cartn_transf_matrix[2][2]   ? 
_atom_sites.Cartn_transf_matrix[2][3]   ? 
_atom_sites.Cartn_transf_matrix[3][1]   ? 
_atom_sites.Cartn_transf_matrix[3][2]   ? 
_atom_sites.Cartn_transf_matrix[3][3]   ? 
_atom_sites.Cartn_transf_vector[1]      ? 
_atom_sites.Cartn_transf_vector[2]      ? 
_atom_sites.Cartn_transf_vector[3]      ? 
_atom_sites.Cartn_transform_axes        ? 
_atom_sites.fract_transf_matrix[1][1]   0.07041522 
_atom_sites.fract_transf_matrix[1][2]   -0.01752686 
_atom_sites.fract_transf_matrix[1][3]   -0.00631748 
_atom_sites.fract_transf_matrix[2][1]   0.01650498 
_atom_sites.fract_transf_matrix[2][2]   0.04647217 
_atom_sites.fract_transf_matrix[2][3]   0.05503622 
_atom_sites.fract_transf_matrix[3][1]   0.00219684 
_atom_sites.fract_transf_matrix[3][2]   -0.02730498 
_atom_sites.fract_transf_matrix[3][3]   0.02239731 
_atom_sites.fract_transf_vector[1]      -0.389366 
_atom_sites.fract_transf_vector[2]      -0.211865 
_atom_sites.fract_transf_vector[3]      -0.174515 
_atom_sites.solution_primary            ? 
_atom_sites.solution_secondary          ? 
_atom_sites.solution_hydrogens          ? 
_atom_sites.special_details             ? 
# 
loop_
_atom_type.symbol 
_atom_type.scat_dispersion_real 
_atom_type.scat_dispersion_imag 
_atom_type.scat_Cromer_Mann_a1 
_atom_type.scat_Cromer_Mann_a2 
_atom_type.scat_Cromer_Mann_a3 
_atom_type.scat_Cromer_Mann_a4 
_atom_type.scat_Cromer_Mann_b1 
_atom_type.scat_Cromer_Mann_b2 
_atom_type.scat_Cromer_Mann_b3 
_atom_type.scat_Cromer_Mann_b4 
_atom_type.scat_Cromer_Mann_c 
_atom_type.scat_source 
_atom_type.scat_dispersion_source 
C ? ? 2.51340 1.74867 1.72398 ? 31.80534 0.44561  10.58317 ? 0.0 
;3-Gaussian fit: Grosse-Kunstleve RW, Sauter NK, Adams PD: Newsletter of the IUCr Commission on Crystallographic Computing 2004, 3, 22-31.
;
? 
H ? ? 0.53795 0.34799 0.11320 ? 10.08003 29.74760 2.57510  ? 0.0 
;3-Gaussian fit: Grosse-Kunstleve RW, Sauter NK, Adams PD: Newsletter of the IUCr Commission on Crystallographic Computing 2004, 3, 22-31.
;
? 
N ? ? 2.99955 2.25584 1.72788 ? 23.27268 7.45433  0.31622  ? 0.0 
;3-Gaussian fit: Grosse-Kunstleve RW, Sauter NK, Adams PD: Newsletter of the IUCr Commission on Crystallographic Computing 2004, 3, 22-31.
;
? 
O ? ? 3.21184 3.04156 1.73156 ? 18.83700 5.90590  0.24126  ? 0.0 
;3-Gaussian fit: Grosse-Kunstleve RW, Sauter NK, Adams PD: Newsletter of the IUCr Commission on Crystallographic Computing 2004, 3, 22-31.
;
? 
# 
loop_
_atom_site.group_PDB 
_atom_site.id 
_atom_site.type_symbol 
_atom_site.label_atom_id 
_atom_site.label_alt_id 
_atom_site.label_comp_id 
_atom_site.label_asym_id 
_atom_site.label_entity_id 
_atom_site.label_seq_id 
_atom_site.pdbx_PDB_ins_code 
_atom_site.Cartn_x 
_atom_site.Cartn_y 
_atom_site.Cartn_z 
_atom_site.occupancy 
_atom_site.B_iso_or_equiv 
_atom_site.pdbx_formal_charge 
_atom_site.auth_seq_id 
_atom_site.auth_comp_id 
_atom_site.auth_asym_id 
_atom_site.auth_atom_id 
_atom_site.pdbx_PDB_model_num 
ATOM   1   N N    A LEU A 1 1 ? 3.94251  -2.00664 -6.19333  0.858 4.06399  ? 2   LEU A N    1 
ATOM   2   N N    B LEU A 1 1 ? 4.39676  -2.37304 -6.02780  0.142 4.33388  ? 2   LEU A N    1 
ATOM   3   C CA   A LEU A 1 1 ? 3.71760  -2.97881 -5.11335  0.858 3.81530  ? 2   LEU A CA   1 
ATOM   4   C CA   B LEU A 1 1 ? 3.95298  -3.20919 -4.94094  0.142 3.99036  ? 2   LEU A CA   1 
ATOM   5   C C    A LEU A 1 1 ? 3.60749  -2.28000 -3.73663  0.858 3.63262  ? 2   LEU A C    1 
ATOM   6   C C    B LEU A 1 1 ? 3.72925  -2.41847 -3.66182  0.142 3.94121  ? 2   LEU A C    1 
ATOM   7   O O    A LEU A 1 1 ? 2.66597  -2.51535 -2.97774  0.858 3.84661  ? 2   LEU A O    1 
ATOM   8   O O    B LEU A 1 1 ? 2.76106  -2.68283 -2.94395  0.142 4.01332  ? 2   LEU A O    1 
ATOM   9   C CB   A LEU A 1 1 ? 4.84523  -3.99635 -5.11420  0.858 4.09388  ? 2   LEU A CB   1 
ATOM   10  C CB   B LEU A 1 1 ? 4.97438  -4.32115 -4.74903  0.142 3.89884  ? 2   LEU A CB   1 
ATOM   11  C CG   A LEU A 1 1 ? 4.90290  -4.92210 -3.90681  0.858 4.24994  ? 2   LEU A CG   1 
ATOM   12  C CG   B LEU A 1 1 ? 4.77908  -5.30735 -3.61294  0.142 4.68805  ? 2   LEU A CG   1 
ATOM   13  C CD1  A LEU A 1 1 ? 3.60300  -5.71856 -3.66672  0.858 4.96812  ? 2   LEU A CD1  1 
ATOM   14  C CD1  B LEU A 1 1 ? 3.59729  -6.12494 -3.89628  0.142 5.04253  ? 2   LEU A CD1  1 
ATOM   15  C CD2  A LEU A 1 1 ? 6.09379  -5.86953 -4.03542  0.858 4.69407  ? 2   LEU A CD2  1 
ATOM   16  C CD2  B LEU A 1 1 ? 5.96857  -6.22730 -3.57207  0.142 4.98485  ? 2   LEU A CD2  1 
ATOM   17  H H1   A LEU A 1 1 ? 4.48454  -2.26498 -6.81683  0.858 4.88246  ? 2   LEU A H1   1 
ATOM   18  H H1   B LEU A 1 1 ? 4.37758  -2.77372 -6.78862  0.142 5.20632  ? 2   LEU A H1   1 
ATOM   19  H HA   A LEU A 1 1 ? 2.87951  -3.44496 -5.25899  0.858 4.58403  ? 2   LEU A HA   1 
ATOM   20  H HA   B LEU A 1 1 ? 3.09227  -3.60544 -5.14843  0.142 4.79409  ? 2   LEU A HA   1 
ATOM   21  H HB2  A LEU A 1 1 ? 4.74893  -4.55503 -5.90128  0.858 4.91833  ? 2   LEU A HB2  1 
ATOM   22  H HB2  B LEU A 1 1 ? 4.99280  -4.84358 -5.56612  0.142 4.68427  ? 2   LEU A HB2  1 
ATOM   23  H HB3  A LEU A 1 1 ? 5.68716  -3.51592 -5.14936  0.858 4.91833  ? 2   LEU A HB3  1 
ATOM   24  H HB3  B LEU A 1 1 ? 5.83700  -3.90204 -4.60370  0.142 4.68427  ? 2   LEU A HB3  1 
ATOM   25  H HG   A LEU A 1 1 ? 5.01115  -4.36111 -3.12293  0.858 5.10560  ? 2   LEU A HG   1 
ATOM   26  H HG   B LEU A 1 1 ? 4.67500  -4.83872 -2.77005  0.142 5.63133  ? 2   LEU A HG   1 
ATOM   27  H HD11 A LEU A 1 1 ? 2.87708  -5.09637 -3.50298  0.858 5.96741  ? 2   LEU A HD11 1 
ATOM   28  H HD11 B LEU A 1 1 ? 2.81211  -5.55539 -3.89735  0.142 6.05670  ? 2   LEU A HD11 1 
ATOM   29  H HD12 A LEU A 1 1 ? 3.40996  -6.25249 -4.45321  0.858 5.96741  ? 2   LEU A HD12 1 
ATOM   30  H HD12 B LEU A 1 1 ? 3.70360  -6.54334 -4.76493  0.142 6.05670  ? 2   LEU A HD12 1 
ATOM   31  H HD13 A LEU A 1 1 ? 3.72398  -6.29577 -2.89660  0.858 5.96741  ? 2   LEU A HD13 1 
ATOM   32  H HD13 B LEU A 1 1 ? 3.51174  -6.80494 -3.20986  0.142 6.05670  ? 2   LEU A HD13 1 
ATOM   33  H HD21 A LEU A 1 1 ? 6.90333  -5.34629 -4.14399  0.858 5.63855  ? 2   LEU A HD21 1 
ATOM   34  H HD21 B LEU A 1 1 ? 6.77894  -5.69477 -3.54703  0.142 5.98748  ? 2   LEU A HD21 1 
ATOM   35  H HD22 A LEU A 1 1 ? 6.15489  -6.41074 -3.23276  0.858 5.63855  ? 2   LEU A HD22 1 
ATOM   36  H HD22 B LEU A 1 1 ? 5.91218  -6.78132 -2.77785  0.142 5.98748  ? 2   LEU A HD22 1 
ATOM   37  H HD23 A LEU A 1 1 ? 5.96192  -6.43929 -4.80930  0.858 5.63855  ? 2   LEU A HD23 1 
ATOM   38  H HD23 B LEU A 1 1 ? 5.96376  -6.78517 -4.36557  0.142 5.98748  ? 2   LEU A HD23 1 
HETATM 39  N N    . AIB A 1 2 ? 4.57777  -1.41543 -3.40941  1.000 3.63632  ? 3   AIB A N    1 
HETATM 40  C CA   . AIB A 1 2 ? 4.55644  -0.73185 -2.12003  1.000 3.45092  ? 3   AIB A CA   1 
HETATM 41  C C    . AIB A 1 2 ? 3.19651  0.00223  -1.98661  1.000 3.49372  ? 3   AIB A C    1 
HETATM 42  O O    . AIB A 1 2 ? 2.53623  -0.04338 -0.95021  1.000 3.90836  ? 3   AIB A O    1 
HETATM 43  C CB1  . AIB A 1 2 ? 4.74248  -1.71758 -0.96389  1.000 4.30799  ? 3   AIB A CB1  1 
HETATM 44  C CB2  . AIB A 1 2 ? 5.66907  0.31538  -2.08474  1.000 3.92744  ? 3   AIB A CB2  1 
HETATM 45  H H    . AIB A 1 2 ? 5.15062  -0.92448 -4.06730  1.000 4.36925  ? 3   AIB A H    1 
HETATM 46  H HB11 . AIB A 1 2 ? 5.76895  -2.15385 -1.00271  0.552 5.17525  ? 3   AIB A HB11 1 
HETATM 47  H HB12 . AIB A 1 2 ? 4.60491  -1.18751 0.00851   1.000 5.17525  ? 3   AIB A HB12 1 
HETATM 48  H HB13 . AIB A 1 2 ? 3.99085  -2.53855 -1.04458  0.985 5.17525  ? 3   AIB A HB13 1 
HETATM 49  H HB21 . AIB A 1 2 ? 5.73817  0.73957  -1.05374  0.878 4.71859  ? 3   AIB A HB21 1 
HETATM 50  H HB22 . AIB A 1 2 ? 6.63615  -0.17042 -2.36120  0.961 4.71859  ? 3   AIB A HB22 1 
HETATM 51  H HB23 . AIB A 1 2 ? 5.42950  1.12682  -2.81404  0.901 4.71859  ? 3   AIB A HB23 1 
ATOM   52  N N    . ALA A 1 3 ? 2.79766  0.69590  -3.05218  1.000 3.96738  ? 4   ALA A N    1 
ATOM   53  C CA   . ALA A 1 3 ? 1.54991  1.45573  -3.03039  1.000 4.86629  ? 4   ALA A CA   1 
ATOM   54  C C    . ALA A 1 3 ? 0.32933  0.57360  -2.79161  1.000 4.82719  ? 4   ALA A C    1 
ATOM   55  O O    . ALA A 1 3 ? -0.60422 0.98598  -2.09599  1.000 5.40449  ? 4   ALA A O    1 
ATOM   56  C CB   . ALA A 1 3 ? 1.40014  2.24636  -4.32623  1.000 6.54261  ? 4   ALA A CB   1 
ATOM   57  H H    . ALA A 1 3 ? 3.22943  0.74181  -3.79452  1.000 4.76652  ? 4   ALA A H    1 
ATOM   58  H HA   . ALA A 1 3 ? 1.58771  2.07888  -2.28799  1.000 5.84521  ? 4   ALA A HA   1 
ATOM   59  H HB1  . ALA A 1 3 ? 2.18035  2.81056  -4.44390  1.000 7.85680  ? 4   ALA A HB1  1 
ATOM   60  H HB2  . ALA A 1 3 ? 1.32580  1.62577  -5.06801  1.000 7.85680  ? 4   ALA A HB2  1 
ATOM   61  H HB3  . ALA A 1 3 ? 0.60125  2.79380  -4.27162  1.000 7.85680  ? 4   ALA A HB3  1 
HETATM 62  N N    . AIB A 1 4 ? 0.34299  -0.61420 -3.38789  1.000 4.75739  ? 5   AIB A N    1 
HETATM 63  C CA   . AIB A 1 4 ? -0.75253 -1.57349 -3.25900  1.000 5.29670  ? 5   AIB A CA   1 
HETATM 64  C C    . AIB A 1 4 ? -1.02885 -1.86578 -1.77256  1.000 4.14325  ? 5   AIB A C    1 
HETATM 65  O O    . AIB A 1 4 ? -2.15739 -2.06492 -1.35274  1.000 4.67163  ? 5   AIB A O    1 
HETATM 66  C CB1  . AIB A 1 4 ? -2.02311 -1.01354 -3.93189  1.000 6.96419  ? 5   AIB A CB1  1 
HETATM 67  C CB2  . AIB A 1 4 ? -0.37128 -2.89554 -3.92857  1.000 5.79834  ? 5   AIB A CB2  1 
HETATM 68  H H    . AIB A 1 4 ? 0.87774  -0.82170 -4.20824  1.000 5.71454  ? 5   AIB A H    1 
HETATM 69  H HB11 . AIB A 1 4 ? -2.78662 -1.82202 -4.02604  1.000 8.36269  ? 5   AIB A HB11 1 
HETATM 70  H HB12 . AIB A 1 4 ? -2.44121 -0.18319 -3.31450  1.000 8.36269  ? 5   AIB A HB12 1 
HETATM 71  H HB13 . AIB A 1 4 ? -1.77133 -0.62563 -4.94756  1.000 8.36269  ? 5   AIB A HB13 1 
HETATM 72  H HB21 . AIB A 1 4 ? 0.70904  -2.86336 -4.21062  1.000 6.96367  ? 5   AIB A HB21 1 
HETATM 73  H HB22 . AIB A 1 4 ? -0.55189 -3.73289 -3.21169  1.000 6.96367  ? 5   AIB A HB22 1 
HETATM 74  H HB23 . AIB A 1 4 ? -0.99835 -3.03583 -4.84223  1.000 6.96367  ? 5   AIB A HB23 1 
ATOM   75  N N    A LEU A 1 5 ? 0.05548  -1.93401 -0.98995  0.628 3.48224  ? 6   LEU A N    1 
ATOM   76  N N    B LEU A 1 5 ? 0.04800  -1.92978 -0.98738  0.372 3.80739  ? 6   LEU A N    1 
ATOM   77  C CA   A LEU A 1 5 ? -0.06458 -2.13971 0.45288   0.628 3.40457  ? 6   LEU A CA   1 
ATOM   78  C CA   B LEU A 1 5 ? -0.07671 -2.16065 0.44926   0.372 3.69125  ? 6   LEU A CA   1 
ATOM   79  C C    A LEU A 1 5 ? -0.39805 -0.85589 1.19395   0.628 3.56405  ? 6   LEU A C    1 
ATOM   80  C C    B LEU A 1 5 ? -0.36037 -0.86615 1.22164   0.372 3.81950  ? 6   LEU A C    1 
ATOM   81  O O    A LEU A 1 5 ? -1.25693 -0.83918 2.07701   0.628 3.90658  ? 6   LEU A O    1 
ATOM   82  O O    B LEU A 1 5 ? -1.15713 -0.85307 2.16253   0.372 3.82634  ? 6   LEU A O    1 
ATOM   83  C CB   A LEU A 1 5 ? 1.23689  -2.72363 1.02681   0.628 3.64695  ? 6   LEU A CB   1 
ATOM   84  C CB   B LEU A 1 5 ? 1.18807  -2.84027 0.99957   0.372 3.65318  ? 6   LEU A CB   1 
ATOM   85  C CG   A LEU A 1 5 ? 1.73402  -3.97584 0.30228   0.628 4.27935  ? 6   LEU A CG   1 
ATOM   86  C CG   B LEU A 1 5 ? 1.25807  -4.37931 0.87367   0.372 3.71116  ? 6   LEU A CG   1 
ATOM   87  C CD1  A LEU A 1 5 ? 2.92599  -4.58268 1.04672   0.628 5.30028  ? 6   LEU A CD1  1 
ATOM   88  C CD1  B LEU A 1 5 ? 1.13109  -4.85994 -0.55639  0.372 4.11690  ? 6   LEU A CD1  1 
ATOM   89  C CD2  A LEU A 1 5 ? 0.63602  -5.01141 0.17418   0.628 5.06208  ? 6   LEU A CD2  1 
ATOM   90  C CD2  B LEU A 1 5 ? 2.57888  -4.87673 1.46483   0.372 4.25857  ? 6   LEU A CD2  1 
ATOM   91  H H    A LEU A 1 5 ? 0.86500  -1.86420 -1.27172  0.628 4.18435  ? 6   LEU A H    1 
ATOM   92  H H    B LEU A 1 5 ? 0.85794  -1.84279 -1.26314  0.372 4.57454  ? 6   LEU A H    1 
ATOM   93  H HA   A LEU A 1 5 ? -0.78943 -2.76720 0.60038   0.628 4.09115  ? 6   LEU A HA   1 
ATOM   94  H HA   B LEU A 1 5 ? -0.83061 -2.75310 0.59600   0.372 4.43516  ? 6   LEU A HA   1 
ATOM   95  H HB2  A LEU A 1 5 ? 1.93248  -2.05051 0.96381   0.628 4.38201  ? 6   LEU A HB2  1 
ATOM   96  H HB2  B LEU A 1 5 ? 1.95298  -2.48080 0.52355   0.372 4.38949  ? 6   LEU A HB2  1 
ATOM   97  H HB3  A LEU A 1 5 ? 1.08708  -2.95997 1.95557   0.628 4.38201  ? 6   LEU A HB3  1 
ATOM   98  H HB3  B LEU A 1 5 ? 1.25556  -2.62872 1.94381   0.372 4.38949  ? 6   LEU A HB3  1 
ATOM   99  H HG   A LEU A 1 5 ? 2.01250  -3.71899 -0.59069  0.628 5.14089  ? 6   LEU A HG   1 
ATOM   100 H HG   B LEU A 1 5 ? 0.50661  -4.75144 1.36123   0.372 4.45905  ? 6   LEU A HG   1 
ATOM   101 H HD11 A LEU A 1 5 ? 3.63037  -3.91874 1.10948   0.628 6.36601  ? 6   LEU A HD11 1 
ATOM   102 H HD11 B LEU A 1 5 ? 1.30061  -5.81458 -0.58494  0.372 4.94595  ? 6   LEU A HD11 1 
ATOM   103 H HD12 A LEU A 1 5 ? 2.64148  -4.84811 1.93525   0.628 6.36601  ? 6   LEU A HD12 1 
ATOM   104 H HD12 B LEU A 1 5 ? 0.23353  -4.67374 -0.87360  0.372 4.94595  ? 6   LEU A HD12 1 
ATOM   105 H HD13 A LEU A 1 5 ? 3.24384  -5.35677 0.55614   0.628 6.36601  ? 6   LEU A HD13 1 
ATOM   106 H HD13 B LEU A 1 5 ? 1.77966  -4.39226 -1.10551  0.372 4.94595  ? 6   LEU A HD13 1 
ATOM   107 H HD21 A LEU A 1 5 ? 0.17953  -5.09468 1.02599   0.628 6.08016  ? 6   LEU A HD21 1 
ATOM   108 H HD21 B LEU A 1 5 ? 2.55019  -5.84394 1.53251   0.372 5.11595  ? 6   LEU A HD21 1 
ATOM   109 H HD22 A LEU A 1 5 ? 0.01046  -4.72545 -0.50978  0.628 6.08016  ? 6   LEU A HD22 1 
ATOM   110 H HD22 B LEU A 1 5 ? 3.30666  -4.60731 0.88291   0.372 5.11595  ? 6   LEU A HD22 1 
ATOM   111 H HD23 A LEU A 1 5 ? 1.03132  -5.86179 -0.07379  0.628 6.08016  ? 6   LEU A HD23 1 
ATOM   112 H HD23 B LEU A 1 5 ? 2.69756  -4.48692 2.34509   0.372 5.11595  ? 6   LEU A HD23 1 
HETATM 113 N N    . AIB A 1 6 ? 0.30243  0.21896  0.81268   1.000 3.94160  ? 7   AIB A N    1 
HETATM 114 C CA   . AIB A 1 6 ? 0.26947  1.50143  1.51069   1.000 4.04475  ? 7   AIB A CA   1 
HETATM 115 C C    . AIB A 1 6 ? -1.15332 2.07120  1.54640   1.000 3.46884  ? 7   AIB A C    1 
HETATM 116 O O    . AIB A 1 6 ? -1.47789 2.87898  2.42066   1.000 3.58616  ? 7   AIB A O    1 
HETATM 117 C CB1  . AIB A 1 6 ? 0.77554  1.36807  2.96586   1.000 5.05078  ? 7   AIB A CB1  1 
HETATM 118 C CB2  . AIB A 1 6 ? 1.12377  2.50763  0.74514   1.000 4.91403  ? 7   AIB A CB2  1 
HETATM 119 H H    . AIB A 1 6 ? 0.61548  0.36947  -0.12613  1.000 4.73558  ? 7   AIB A H    1 
HETATM 120 H HB11 . AIB A 1 6 ? -0.01281 0.89231  3.59642   0.282 6.06661  ? 7   AIB A HB11 1 
HETATM 121 H HB12 . AIB A 1 6 ? 1.69509  0.73611  2.98813   0.912 6.06661  ? 7   AIB A HB12 1 
HETATM 122 H HB13 . AIB A 1 6 ? 1.01386  2.37842  3.37555   0.782 6.06661  ? 7   AIB A HB13 1 
HETATM 123 H HB21 . AIB A 1 6 ? 1.09888  3.48832  1.27928   1.000 5.90250  ? 7   AIB A HB21 1 
HETATM 124 H HB22 . AIB A 1 6 ? 2.17369  2.12991  0.69326   0.704 5.90250  ? 7   AIB A HB22 1 
HETATM 125 H HB23 . AIB A 1 6 ? 0.71141  2.62625  -0.28616  1.000 5.90250  ? 7   AIB A HB23 1 
ATOM   126 N N    . GLN A 1 7 ? -2.02285 1.66900  0.60670   1.000 3.32896  ? 8   GLN A N    1 
ATOM   127 C CA   . GLN A 1 7 ? -3.38333 2.17902  0.62433   1.000 3.08861  ? 8   GLN A CA   1 
ATOM   128 C C    . GLN A 1 7 ? -4.07038 1.90504  1.97290   1.000 3.11810  ? 8   GLN A C    1 
ATOM   129 O O    . GLN A 1 7 ? -4.95927 2.67288  2.36315   1.000 3.43124  ? 8   GLN A O    1 
ATOM   130 C CB   . GLN A 1 7 ? -4.22293 1.59374  -0.50472  1.000 3.20857  ? 8   GLN A CB   1 
ATOM   131 C CG   . GLN A 1 7 ? -4.48629 0.10045  -0.38072  1.000 3.33365  ? 8   GLN A CG   1 
ATOM   132 C CD   . GLN A 1 7 ? -5.33924 -0.42523 -1.51545  1.000 3.32043  ? 8   GLN A CD   1 
ATOM   133 O OE1  . GLN A 1 7 ? -6.40084 0.12278  -1.84357  1.000 3.58058  ? 8   GLN A OE1  1 
ATOM   134 N NE2  . GLN A 1 7 ? -4.86522 -1.48185 -2.15217  1.000 4.06533  ? 8   GLN A NE2  1 
ATOM   135 H H    . GLN A 1 7 ? -1.84527 1.11755  -0.02887  0.980 4.00041  ? 8   GLN A H    1 
ATOM   136 H HA   . GLN A 1 7 ? -3.33809 3.13862  0.49015   1.000 3.71200  ? 8   GLN A HA   1 
ATOM   137 H HB2  . GLN A 1 7 ? -5.08226 2.04353  -0.51670  0.984 3.85595  ? 8   GLN A HB2  1 
ATOM   138 H HB3  . GLN A 1 7 ? -3.75939 1.74154  -1.34388  0.901 3.85595  ? 8   GLN A HB3  1 
ATOM   139 H HG2  . GLN A 1 7 ? -3.64041 -0.37413 -0.39325  0.751 4.00604  ? 8   GLN A HG2  1 
ATOM   140 H HG3  . GLN A 1 7 ? -4.95152 -0.07266 0.45263   0.945 4.00604  ? 8   GLN A HG3  1 
ATOM   141 H HE21 . GLN A 1 7 ? -4.11482 -1.82720 -1.91293  0.749 4.88406  ? 8   GLN A HE21 1 
ATOM   142 H HE22 . GLN A 1 7 ? -5.30716 -1.82409 -2.80575  0.756 4.88406  ? 8   GLN A HE22 1 
HETATM 143 N N    . AIB A 1 8 ? -3.68175 0.83304  2.67783   1.000 3.20196  ? 9   AIB A N    1 
HETATM 144 C CA   . AIB A 1 8 ? -4.24955 0.49434  3.98859   1.000 3.54097  ? 9   AIB A CA   1 
HETATM 145 C C    . AIB A 1 8 ? -4.08620 1.66339  4.99774   1.000 3.56815  ? 9   AIB A C    1 
HETATM 146 O O    . AIB A 1 8 ? -4.86070 1.79989  5.92639   1.000 4.50471  ? 9   AIB A O    1 
HETATM 147 C CB1  . AIB A 1 8 ? -5.74198 0.12402  3.88575   1.000 4.13800  ? 9   AIB A CB1  1 
HETATM 148 C CB2  . AIB A 1 8 ? -3.45367 -0.68855 4.54465   1.000 4.40951  ? 9   AIB A CB2  1 
HETATM 149 H H    . AIB A 1 8 ? -2.78943 0.39122  2.57506   1.000 3.84801  ? 9   AIB A H    1 
HETATM 150 H HB11 . AIB A 1 8 ? -6.30056 0.94860  3.38224   1.000 4.97126  ? 9   AIB A HB11 1 
HETATM 151 H HB12 . AIB A 1 8 ? -5.85700 -0.81393 3.29204   1.000 4.97126  ? 9   AIB A HB12 1 
HETATM 152 H HB13 . AIB A 1 8 ? -6.16187 -0.03394 4.90761   1.000 4.97126  ? 9   AIB A HB13 1 
HETATM 153 H HB21 . AIB A 1 8 ? -2.53069 -0.30501 5.04335   1.000 5.29708  ? 9   AIB A HB21 1 
HETATM 154 H HB22 . AIB A 1 8 ? -4.08513 -1.23740 5.28472   1.000 5.29708  ? 9   AIB A HB22 1 
HETATM 155 H HB23 . AIB A 1 8 ? -3.17608 -1.36908 3.70353   1.000 5.29708  ? 9   AIB A HB23 1 
ATOM   156 N N    A LEU A 1 9 ? -3.00004 2.42897  4.78687   0.823 3.33208  ? 10  LEU A N    1 
ATOM   157 N N    B LEU A 1 9 ? -3.07181 2.50990  4.84204   0.177 3.77731  ? 10  LEU A N    1 
ATOM   158 C CA   A LEU A 1 9 ? -2.64725 3.56710  5.62370   0.823 3.53189  ? 10  LEU A CA   1 
ATOM   159 C CA   B LEU A 1 9 ? -2.87244 3.59608  5.81425   0.177 4.10482  ? 10  LEU A CA   1 
ATOM   160 C C    A LEU A 1 9 ? -2.85416 4.90223  4.91023   0.823 3.74448  ? 10  LEU A C    1 
ATOM   161 C C    B LEU A 1 9 ? -3.22037 4.95802  5.23092   0.177 4.31664  ? 10  LEU A C    1 
ATOM   162 O O    A LEU A 1 9 ? -2.36879 5.95619  5.27651   0.823 4.47275  ? 10  LEU A O    1 
ATOM   163 O O    B LEU A 1 9 ? -3.64545 5.86474  5.95208   0.177 4.01554  ? 10  LEU A O    1 
ATOM   164 C CB   A LEU A 1 9 ? -1.18010 3.49088  6.07255   0.823 3.59358  ? 10  LEU A CB   1 
ATOM   165 C CB   B LEU A 1 9 ? -1.44150 3.57915  6.35613   0.177 4.27938  ? 10  LEU A CB   1 
ATOM   166 C CG   A LEU A 1 9 ? -0.78040 2.14713  6.68596   0.823 3.71540  ? 10  LEU A CG   1 
ATOM   167 C CG   B LEU A 1 9 ? -1.04734 2.24552  7.01128   0.177 4.54804  ? 10  LEU A CG   1 
ATOM   168 C CD1  A LEU A 1 9 ? 0.67854  2.18303  7.12433   0.823 4.73550  ? 10  LEU A CD1  1 
ATOM   169 C CD1  B LEU A 1 9 ? 0.41066  2.27920  7.44900   0.177 4.96493  ? 10  LEU A CD1  1 
ATOM   170 C CD2  A LEU A 1 9 ? -1.68008 1.73038  7.84781   0.823 4.13066  ? 10  LEU A CD2  1 
ATOM   171 C CD2  B LEU A 1 9 ? -1.94772 1.88101  8.18589   0.177 4.74582  ? 10  LEU A CD2  1 
ATOM   172 H H    A LEU A 1 9 ? -2.44231 2.29827  4.14542   0.823 4.00417  ? 10  LEU A H    1 
ATOM   173 H H    B LEU A 1 9 ? -2.49837 2.48190  4.20175   0.177 4.53843  ? 10  LEU A H    1 
ATOM   174 H HA   A LEU A 1 9 ? -3.22722 3.53586  6.40058   0.823 4.24393  ? 10  LEU A HA   1 
ATOM   175 H HA   B LEU A 1 9 ? -3.47250 3.45326  6.56288   0.177 4.93145  ? 10  LEU A HA   1 
ATOM   176 H HB2  A LEU A 1 9 ? -0.61222 3.64340  5.30109   0.823 4.31796  ? 10  LEU A HB2  1 
ATOM   177 H HB2  B LEU A 1 9 ? -0.82836 3.74288  5.62254   0.177 5.14092  ? 10  LEU A HB2  1 
ATOM   178 H HB3  A LEU A 1 9 ? -1.02464 4.17750  6.73985   0.823 4.31796  ? 10  LEU A HB3  1 
ATOM   179 H HB3  B LEU A 1 9 ? -1.35294 4.27655  7.02448   0.177 5.14092  ? 10  LEU A HB3  1 
ATOM   180 H HG   A LEU A 1 9 ? -0.89160 1.46876  6.00160   0.823 4.46414  ? 10  LEU A HG   1 
ATOM   181 H HG   B LEU A 1 9 ? -1.16142 1.54779  6.34716   0.177 5.46331  ? 10  LEU A HG   1 
ATOM   182 H HD11 A LEU A 1 9 ? 0.93403  1.30350  7.44377   0.823 5.68827  ? 10  LEU A HD11 1 
ATOM   183 H HD11 B LEU A 1 9 ? 0.62875  1.44093  7.88561   0.177 5.96358  ? 10  LEU A HD11 1 
ATOM   184 H HD12 A LEU A 1 9 ? 1.22997  2.43275  6.36639   0.823 5.68827  ? 10  LEU A HD12 1 
ATOM   185 H HD12 B LEU A 1 9 ? 0.97226  2.40106  6.66755   0.177 5.96358  ? 10  LEU A HD12 1 
ATOM   186 H HD13 A LEU A 1 9 ? 0.77868  2.83517  7.83537   0.823 5.68827  ? 10  LEU A HD13 1 
ATOM   187 H HD13 B LEU A 1 9 ? 0.53814  3.01658  8.06619   0.177 5.96358  ? 10  LEU A HD13 1 
ATOM   188 H HD21 A LEU A 1 9 ? -1.31297 0.93348  8.26140   0.823 4.96246  ? 10  LEU A HD21 1 
ATOM   189 H HD21 B LEU A 1 9 ? -1.52859 1.17074  8.69654   0.177 5.70065  ? 10  LEU A HD21 1 
ATOM   190 H HD22 A LEU A 1 9 ? -1.71543 2.45241  8.49458   0.823 4.96246  ? 10  LEU A HD22 1 
ATOM   191 H HD22 B LEU A 1 9 ? -2.06883 2.66380  8.74577   0.177 5.70065  ? 10  LEU A HD22 1 
ATOM   192 H HD23 A LEU A 1 9 ? -2.56990 1.54678  7.50808   0.823 4.96246  ? 10  LEU A HD23 1 
ATOM   193 H HD23 B LEU A 1 9 ? -2.80536 1.58190  7.84546   0.177 5.70065  ? 10  LEU A HD23 1 
HETATM 194 C C11  A I77 B 2 . ? -6.05065 8.61067  2.01753   0.909 4.40675  ? 101 I77 A C11  1 
HETATM 195 C C11  B I77 B 2 . ? -5.67639 8.22334  1.43711   0.091 7.06897  ? 101 I77 A C11  1 
HETATM 196 C C12  A I77 B 2 . ? -4.82183 8.03218  2.28271   0.909 4.33440  ? 101 I77 A C12  1 
HETATM 197 C C12  B I77 B 2 . ? -4.42784 8.10702  2.01905   0.091 6.88320  ? 101 I77 A C12  1 
HETATM 198 C C13  A I77 B 2 . ? -4.74757 6.93377  3.31364   0.909 4.11994  ? 101 I77 A C13  1 
HETATM 199 C C13  B I77 B 2 . ? -3.96727 7.09352  3.05766   0.091 6.93659  ? 101 I77 A C13  1 
HETATM 200 C C17  A I77 B 2 . ? -3.70060 8.48410  1.60335   0.909 5.44869  ? 101 I77 A C17  1 
HETATM 201 C C17  B I77 B 2 . ? -3.43156 8.98305  1.67345   0.091 6.83159  ? 101 I77 A C17  1 
HETATM 202 C C18  A I77 B 2 . ? -3.84000 9.49952  0.69885   0.909 5.03854  ? 101 I77 A C18  1 
HETATM 203 C C18  B I77 B 2 . ? -3.65343 9.93166  0.73198   0.091 6.79491  ? 101 I77 A C18  1 
HETATM 204 C C02  A I77 B 2 . ? -5.52990 14.22637 -3.35276  0.909 3.61066  ? 101 I77 A C02  1 
HETATM 205 C C02  B I77 B 2 . ? -5.51184 14.31788 -3.56627  0.091 5.26118  ? 101 I77 A C02  1 
HETATM 206 C C03  A I77 B 2 . ? -5.45029 13.15408 -2.28642  0.909 3.84070  ? 101 I77 A C03  1 
HETATM 207 C C03  B I77 B 2 . ? -5.39781 13.17945 -2.53914  0.091 5.58017  ? 101 I77 A C03  1 
HETATM 208 C C04  A I77 B 2 . ? -6.56893 12.71719 -1.57150  0.909 4.61960  ? 101 I77 A C04  1 
HETATM 209 C C04  B I77 B 2 . ? -6.48764 12.81727 -1.76400  0.091 5.91350  ? 101 I77 A C04  1 
HETATM 210 C C05  A I77 B 2 . ? -6.44894 11.71983 -0.65439  0.909 4.38260  ? 101 I77 A C05  1 
HETATM 211 C C05  B I77 B 2 . ? -6.31348 11.77909 -0.86942  0.091 6.14234  ? 101 I77 A C05  1 
HETATM 212 C C06  A I77 B 2 . ? -4.23123 12.56074 -2.05264  0.909 5.02580  ? 101 I77 A C06  1 
HETATM 213 C C06  B I77 B 2 . ? -4.19354 12.51019 -2.42988  0.091 5.88771  ? 101 I77 A C06  1 
HETATM 214 C C08  A I77 B 2 . ? -5.21915 11.16369 -0.48543  0.909 4.44284  ? 101 I77 A C08  1 
HETATM 215 C C08  B I77 B 2 . ? -5.09001 11.14482 -0.80904  0.091 6.37163  ? 101 I77 A C08  1 
HETATM 216 C C09  A I77 B 2 . ? -5.08732 10.04905 0.50295   0.909 4.24539  ? 101 I77 A C09  1 
HETATM 217 C C09  B I77 B 2 . ? -4.90781 10.02919 0.18860   0.091 6.68542  ? 101 I77 A C09  1 
HETATM 218 N N01  A I77 B 2 . ? -6.79202 14.67493 -3.67155  0.909 4.51678  ? 101 I77 A N01  1 
HETATM 219 N N01  B I77 B 2 . ? -6.77427 15.01483 -3.76011  0.091 5.44974  ? 101 I77 A N01  1 
HETATM 220 N N07  A I77 B 2 . ? -4.13460 11.57980 -1.15098  0.909 5.63547  ? 101 I77 A N07  1 
HETATM 221 N N07  B I77 B 2 . ? -4.07567 11.52496 -1.56626  0.091 6.20319  ? 101 I77 A N07  1 
HETATM 222 N N10  A I77 B 2 . ? -6.16794 9.59952  1.12951   0.909 4.37578  ? 101 I77 A N10  1 
HETATM 223 N N10  B I77 B 2 . ? -5.87120 9.18692  0.54728   0.091 7.02216  ? 101 I77 A N10  1 
HETATM 224 N N14  A I77 B 2 . ? -3.81201 5.96345  2.99999   0.909 4.04868  ? 101 I77 A N14  1 
HETATM 225 N N14  B I77 B 2 . ? -4.42704 5.70129  3.04716   0.091 6.19410  ? 101 I77 A N14  1 
HETATM 226 N N15  A I77 B 2 . ? -3.64769 4.84847  3.78308   0.909 3.99794  ? 101 I77 A N15  1 
HETATM 227 N N15  B I77 B 2 . ? -3.95179 4.77997  4.01894   0.091 5.26834  ? 101 I77 A N15  1 
HETATM 228 O O16  A I77 B 2 . ? -5.38321 6.91034  4.32310   0.909 5.54024  ? 101 I77 A O16  1 
HETATM 229 O O16  B I77 B 2 . ? -3.17618 7.47869  3.85355   0.091 7.45129  ? 101 I77 A O16  1 
HETATM 230 O O19  A I77 B 2 . ? -4.54557 14.63380 -3.91415  0.909 4.53772  ? 101 I77 A O19  1 
HETATM 231 O O19  B I77 B 2 . ? -4.56675 14.60536 -4.21752  0.091 5.00180  ? 101 I77 A O19  1 
HETATM 232 H H111 A I77 B 2 . ? -6.92762 8.25661  2.53696   0.909 5.29376  ? 101 I77 A H111 1 
HETATM 233 H H111 B I77 B 2 . ? -6.47378 7.54591  1.70074   0.091 8.48843  ? 101 I77 A H111 1 
HETATM 234 H H171 A I77 B 2 . ? -2.72381 8.03684  1.78760   0.909 6.54410  ? 101 I77 A H171 1 
HETATM 235 H H171 B I77 B 2 . ? -2.45742 8.91611  2.15788   0.091 8.20357  ? 101 I77 A H171 1 
HETATM 236 H H181 A I77 B 2 . ? -2.98002 9.86738  0.14309   0.909 6.05192  ? 101 I77 A H181 1 
HETATM 237 H H181 B I77 B 2 . ? -2.85536 10.59976 0.41498   0.091 8.15956  ? 101 I77 A H181 1 
HETATM 238 H H041 A I77 B 2 . ? -7.52660 13.17059 -1.74693  0.909 5.54918  ? 101 I77 A H041 1 
HETATM 239 H H041 B I77 B 2 . ? -7.43038 13.32363 -1.85508  0.091 7.10186  ? 101 I77 A H041 1 
HETATM 240 H H051 A I77 B 2 . ? -7.30169 11.38064 -0.07936  0.909 5.26478  ? 101 I77 A H051 1 
HETATM 241 H H051 B I77 B 2 . ? -7.12587 11.46745 -0.22459  0.091 7.37647  ? 101 I77 A H051 1 
HETATM 242 H H061 A I77 B 2 . ? -3.35553 12.88683 -2.59613  0.909 6.03662  ? 101 I77 A H061 1 
HETATM 243 H H061 B I77 B 2 . ? -3.35462 12.79427 -3.04959  0.091 7.07091  ? 101 I77 A H061 1 
HETATM 244 H H011 A I77 B 2 . ? -7.62486 14.34841 -3.24259  0.909 5.42580  ? 101 I77 A H011 1 
HETATM 245 H H011 B I77 B 2 . ? -7.58032 14.76826 -3.22490  0.091 6.54536  ? 101 I77 A H011 1 
HETATM 246 H H012 A I77 B 2 . ? -6.88507 15.38407 -4.39340  0.909 5.42580  ? 101 I77 A H012 1 
HETATM 247 H H012 B I77 B 2 . ? -6.83524 15.74820 -4.44508  0.091 6.54536  ? 101 I77 A H012 1 
HETATM 248 H H141 A I77 B 2 . ? -3.23995 6.07764  2.18039   0.909 4.86408  ? 101 I77 A H141 1 
HETATM 249 H H141 B I77 B 2 . ? -5.08285 5.39629  2.34792   0.091 7.43859  ? 101 I77 A H141 1 
HETATM 250 H H1   A I77 B 2 . ? -3.25194 4.23771  3.11040   0.909 4.80320  ? 101 I77 A H1   1 
HETATM 251 H H1   B I77 B 2 . ? -4.64687 4.64918  4.73615   0.091 6.32768  ? 101 I77 A H1   1 
HETATM 252 C C05  A I6W C 3 . ? 4.75931  1.25054  -8.91552  0.731 4.04875  ? 102 I6W A C05  1 
HETATM 253 C C05  B I6W C 3 . ? 5.60262  0.52928  -8.61038  0.191 6.58135  ? 102 I6W A C05  1 
HETATM 254 C C05  C I6W C 3 . ? 5.11555  0.86993  -9.00318  0.077 5.78370  ? 102 I6W A C05  1 
HETATM 255 C C08  A I6W C 3 . ? 3.64813  1.96241  -9.30439  0.731 4.47434  ? 102 I6W A C08  1 
HETATM 256 C C08  B I6W C 3 . ? 4.62064  1.33047  -9.13931  0.191 7.00931  ? 102 I6W A C08  1 
HETATM 257 C C08  C I6W C 3 . ? 4.27087  1.89733  -9.29074  0.077 5.89860  ? 102 I6W A C08  1 
HETATM 258 C C09  A I6W C 3 . ? 3.84400  3.09245  -10.27539 0.731 5.07387  ? 102 I6W A C09  1 
HETATM 259 C C09  B I6W C 3 . ? 5.01044  2.39424  -10.12205 0.191 7.88577  ? 102 I6W A C09  1 
HETATM 260 C C09  C I6W C 3 . ? 4.72886  2.91187  -10.33740 0.077 6.10578  ? 102 I6W A C09  1 
HETATM 261 N N10  A I6W C 3 . ? 5.04089  3.36023  -10.74903 0.731 4.92874  ? 102 I6W A N10  1 
HETATM 262 N N10  B I6W C 3 . ? 6.24932  2.35179  -10.37927 0.191 8.46387  ? 102 I6W A N10  1 
HETATM 263 N N10  C I6W C 3 . ? 5.99359  2.87849  -10.66977 0.077 6.18727  ? 102 I6W A N10  1 
HETATM 264 C C02  A I6W C 3 . ? 2.99005  -1.00965 -6.42615  0.731 4.39250  ? 102 I6W A C02  1 
HETATM 265 C C02  B I6W C 3 . ? 3.32981  -1.46603 -6.31025  0.191 4.88309  ? 102 I6W A C02  1 
HETATM 266 C C02  C I6W C 3 . ? 3.12524  -1.01510 -6.36589  0.077 4.74379  ? 102 I6W A C02  1 
HETATM 267 C C03  A I6W C 3 . ? 3.32015  -0.00753 -7.50567  0.731 4.57356  ? 102 I6W A C03  1 
HETATM 268 C C03  B I6W C 3 . ? 3.89476  -0.49220 -7.33725  0.191 5.64350  ? 102 I6W A C03  1 
HETATM 269 C C03  C I6W C 3 . ? 3.53709  0.02896  -7.42478  0.077 5.36188  ? 102 I6W A C03  1 
HETATM 270 C C04  A I6W C 3 . ? 4.59149  0.22701  -7.99498  0.731 4.20003  ? 102 I6W A C04  1 
HETATM 271 C C04  B I6W C 3 . ? 5.23910  -0.43866 -7.67947  0.191 6.15995  ? 102 I6W A C04  1 
HETATM 272 C C04  C I6W C 3 . ? 4.75920  -0.09725 -8.05400  0.077 5.61047  ? 102 I6W A C04  1 
HETATM 273 C C06  A I6W C 3 . ? 2.26649  0.76294  -7.93556  0.731 5.55360  ? 102 I6W A C06  1 
HETATM 274 C C06  B I6W C 3 . ? 2.97667  0.36284  -7.88904  0.191 6.24477  ? 102 I6W A C06  1 
HETATM 275 C C06  C I6W C 3 . ? 2.72014  1.09363  -7.74787  0.077 5.68749  ? 102 I6W A C06  1 
HETATM 276 C C11  A I6W C 3 . ? 5.23514  4.37806  -11.59796 0.731 4.73390  ? 102 I6W A C11  1 
HETATM 277 C C11  B I6W C 3 . ? 6.79575  3.13553  -11.19648 0.191 8.80733  ? 102 I6W A C11  1 
HETATM 278 C C11  C I6W C 3 . ? 6.52896  3.68018  -11.55261 0.077 6.19490  ? 102 I6W A C11  1 
HETATM 279 C C12  A I6W C 3 . ? 4.16485  5.20966  -11.94365 0.731 5.34825  ? 102 I6W A C12  1 
HETATM 280 C C12  B I6W C 3 . ? 6.12653  4.16378  -11.81733 0.191 8.94396  ? 102 I6W A C12  1 
HETATM 281 C C12  C I6W C 3 . ? 5.74825  4.62283  -12.18029 0.077 6.37818  ? 102 I6W A C12  1 
HETATM 282 C C13  A I6W C 3 . ? 4.33385  6.39335  -12.88809 0.731 5.36017  ? 102 I6W A C13  1 
HETATM 283 C C13  B I6W C 3 . ? 6.89136  5.18525  -12.75047 0.191 9.74612  ? 102 I6W A C13  1 
HETATM 284 C C13  C I6W C 3 . ? 6.44640  5.54378  -13.22628 0.077 6.53411  ? 102 I6W A C13  1 
HETATM 285 C C15  A I6W C 3 . ? 5.87148  7.55893  -14.23947 0.731 5.81999  ? 102 I6W A C15  1 
HETATM 286 C C15  B I6W C 3 . ? 8.36278  6.19682  -14.12182 0.191 10.70285 ? 102 I6W A C15  1 
HETATM 287 C C15  C I6W C 3 . ? 8.47003  6.44780  -14.18009 0.077 7.03036  ? 102 I6W A C15  1 
HETATM 288 C C16  A I6W C 3 . ? 7.32365  7.36453  -14.73577 0.731 6.05251  ? 102 I6W A C16  1 
HETATM 289 C C16  B I6W C 3 . ? 9.53051  6.62210  -15.04223 0.191 10.80069 ? 102 I6W A C16  1 
HETATM 290 C C16  C I6W C 3 . ? 9.98163  6.11895  -14.26458 0.077 7.15828  ? 102 I6W A C16  1 
HETATM 291 C C18  A I6W C 3 . ? 2.92570  4.96707  -11.43546 0.731 6.46817  ? 102 I6W A C18  1 
HETATM 292 C C18  B I6W C 3 . ? 4.78505  4.29653  -11.53928 0.191 8.59800  ? 102 I6W A C18  1 
HETATM 293 C C18  C I6W C 3 . ? 4.40777  4.71179  -11.87625 0.077 6.39313  ? 102 I6W A C18  1 
HETATM 294 C C19  A I6W C 3 . ? 2.76367  3.88305  -10.57877 0.731 6.17484  ? 102 I6W A C19  1 
HETATM 295 C C19  B I6W C 3 . ? 4.20171  3.37388  -10.65648 0.191 8.30691  ? 102 I6W A C19  1 
HETATM 296 C C19  C I6W C 3 . ? 3.88057  3.82763  -10.92333 0.077 6.28657  ? 102 I6W A C19  1 
HETATM 297 N N07  A I6W C 3 . ? 2.43641  1.73679  -8.82665  0.731 5.78050  ? 102 I6W A N07  1 
HETATM 298 N N07  B I6W C 3 . ? 3.36271  1.25598  -8.76510  0.191 6.65602  ? 102 I6W A N07  1 
HETATM 299 N N07  C I6W C 3 . ? 3.10139  1.98860  -8.65997  0.077 5.84299  ? 102 I6W A N07  1 
HETATM 300 O O01  A I6W C 3 . ? 2.08225  -0.83151 -5.64780  0.731 4.81386  ? 102 I6W A O01  1 
HETATM 301 O O01  B I6W C 3 . ? 2.32987  -1.12124 -5.73478  0.191 4.86203  ? 102 I6W A O01  1 
HETATM 302 O O01  C I6W C 3 . ? 1.97510  -1.16798 -6.03609  0.077 4.77894  ? 102 I6W A O01  1 
HETATM 303 O O14  A I6W C 3 . ? 5.60712  6.43214  -13.38547 0.731 5.50127  ? 102 I6W A O14  1 
HETATM 304 O O14  B I6W C 3 . ? 8.39866  5.28514  -12.94891 0.191 10.42712 ? 102 I6W A O14  1 
HETATM 305 O O14  C I6W C 3 . ? 7.84803  5.38894  -13.43286 0.077 6.62998  ? 102 I6W A O14  1 
HETATM 306 O O17  A I6W C 3 . ? 3.50225  7.20086  -13.12242 0.731 6.57407  ? 102 I6W A O17  1 
HETATM 307 O O17  B I6W C 3 . ? 6.09892  5.91651  -13.23668 0.191 9.80907  ? 102 I6W A O17  1 
HETATM 308 O O17  C I6W C 3 . ? 5.82378  6.32628  -13.83709 0.077 6.64592  ? 102 I6W A O17  1 
HETATM 309 H H051 A I6W C 3 . ? 5.72416  1.48005  -9.31177  0.731 4.86416  ? 102 I6W A H051 1 
HETATM 310 H H051 B I6W C 3 . ? 6.62183  0.64682  -8.90705  0.191 7.90329  ? 102 I6W A H051 1 
HETATM 311 H H051 C I6W C 3 . ? 6.05610  0.80064  -9.50439  0.077 6.94610  ? 102 I6W A H051 1 
HETATM 312 H H041 A I6W C 3 . ? 5.46119  -0.39255 -7.65708  0.731 5.04570  ? 102 I6W A H041 1 
HETATM 313 H H041 B I6W C 3 . ? 5.99016  -1.13741 -7.22996  0.191 7.39761  ? 102 I6W A H041 1 
HETATM 314 H H041 C I6W C 3 . ? 5.44574  -0.94851 -7.81232  0.077 6.73823  ? 102 I6W A H041 1 
HETATM 315 H H061 A I6W C 3 . ? 1.27349  0.57258  -7.53917  0.731 6.66999  ? 102 I6W A H061 1 
HETATM 316 H H061 B I6W C 3 . ? 1.93176  0.29933  -7.60003  0.191 7.49938  ? 102 I6W A H061 1 
HETATM 317 H H061 C I6W C 3 . ? 1.75873  1.20296  -7.25479  0.077 6.83066  ? 102 I6W A H061 1 
HETATM 318 H H111 A I6W C 3 . ? 6.20190  4.55379  -12.00872 0.731 5.68635  ? 102 I6W A H111 1 
HETATM 319 H H111 B I6W C 3 . ? 7.82790  2.99627  -11.41895 0.191 10.57446 ? 102 I6W A H111 1 
HETATM 320 H H111 C I6W C 3 . ? 7.56546  3.60395  -11.78510 0.077 7.43955  ? 102 I6W A H111 1 
HETATM 321 H H152 A I6W C 3 . ? 5.78245  8.48410  -13.68359 0.731 6.98966  ? 102 I6W A H152 1 
HETATM 322 H H152 B I6W C 3 . ? 7.97219  7.12808  -13.73059 0.191 12.84909 ? 102 I6W A H152 1 
HETATM 323 H H152 C I6W C 3 . ? 8.32445  7.39394  -13.67363 0.077 8.44210  ? 102 I6W A H152 1 
HETATM 324 H H151 A I6W C 3 . ? 5.18400  7.56901  -15.07622 0.731 6.98966  ? 102 I6W A H151 1 
HETATM 325 H H151 B I6W C 3 . ? 7.63795  5.75032  -14.79126 0.191 12.84909 ? 102 I6W A H151 1 
HETATM 326 H H151 C I6W C 3 . ? 8.04562  6.49810  -15.17520 0.077 8.44210  ? 102 I6W A H151 1 
HETATM 327 H H162 A I6W C 3 . ? 7.54756  8.11118  -15.52038 0.731 7.26868  ? 102 I6W A H162 1 
HETATM 328 H H162 B I6W C 3 . ? 9.13930  7.24130  -15.87095 0.191 12.96650 ? 102 I6W A H162 1 
HETATM 329 H H162 C I6W C 3 . ? 10.44097 6.70613  -15.08155 0.077 8.59560  ? 102 I6W A H162 1 
HETATM 330 H H163 A I6W C 3 . ? 7.43720  6.34615  -15.15198 0.731 7.26868  ? 102 I6W A H163 1 
HETATM 331 H H163 B I6W C 3 . ? 10.02126 5.72077  -15.45457 0.191 12.96650 ? 102 I6W A H163 1 
HETATM 332 H H163 C I6W C 3 . ? 10.11277 5.03953  -14.46681 0.077 8.59560  ? 102 I6W A H163 1 
HETATM 333 H H161 A I6W C 3 . ? 8.02288  7.49750  -13.88922 0.731 7.26868  ? 102 I6W A H161 1 
HETATM 334 H H161 B I6W C 3 . ? 10.26483 7.20790  -14.45841 0.191 12.96650 ? 102 I6W A H161 1 
HETATM 335 H H161 C I6W C 3 . ? 10.46860 6.37678  -13.30562 0.077 8.59560  ? 102 I6W A H161 1 
HETATM 336 H H181 A I6W C 3 . ? 2.08062  5.60564  -11.69267 0.731 7.76747  ? 102 I6W A H181 1 
HETATM 337 H H181 B I6W C 3 . ? 4.19299  5.09301  -11.99002 0.191 10.32327 ? 102 I6W A H181 1 
HETATM 338 H H181 C I6W C 3 . ? 3.77145  5.45058  -12.36347 0.077 7.67742  ? 102 I6W A H181 1 
HETATM 339 H H191 A I6W C 3 . ? 1.78719  3.66344  -10.15215 0.731 7.41547  ? 102 I6W A H191 1 
HETATM 340 H H191 B I6W C 3 . ? 3.14528  3.43045  -10.40250 0.191 9.97396  ? 102 I6W A H191 1 
HETATM 341 H H191 C I6W C 3 . ? 2.82729  3.86362  -10.65300 0.077 7.54955  ? 102 I6W A H191 1 
HETATM 342 C CB   A PYJ D 4 . ? 1.51328  -7.81240 -6.25937  0.648 9.87019  ? 103 PYJ A CB   1 
HETATM 343 C CB   B PYJ D 4 . ? 0.40683  -3.48174 -7.16911  0.352 10.80234 ? 103 PYJ A CB   1 
HETATM 344 C CX   A PYJ D 4 . ? 1.43798  -8.99491 -7.23680  0.648 9.75802  ? 103 PYJ A CX   1 
HETATM 345 C CX   B PYJ D 4 . ? 0.10104  -2.62238 -8.36301  0.352 10.78067 ? 103 PYJ A CX   1 
HETATM 346 C CG   A PYJ D 4 . ? 1.75228  -6.47503 -6.96591  0.648 8.96879  ? 103 PYJ A CG   1 
HETATM 347 C CG   B PYJ D 4 . ? 1.35585  -4.59953 -7.48825  0.352 9.86493  ? 103 PYJ A CG   1 
HETATM 348 C CD1  A PYJ D 4 . ? 0.86443  -5.41573 -6.80013  0.648 8.38258  ? 103 PYJ A CD1  1 
HETATM 349 C CD1  B PYJ D 4 . ? 2.33573  -4.45711 -8.44799  0.352 9.33046  ? 103 PYJ A CD1  1 
HETATM 350 C CD2  A PYJ D 4 . ? 2.83932  -6.32981 -7.80503  0.648 9.10692  ? 103 PYJ A CD2  1 
HETATM 351 C CD2  B PYJ D 4 . ? 1.21302  -5.77697 -6.78626  0.352 9.44451  ? 103 PYJ A CD2  1 
HETATM 352 C CE1  A PYJ D 4 . ? 1.07763  -4.23379 -7.49336  0.648 8.22108  ? 103 PYJ A CE1  1 
HETATM 353 C CE1  B PYJ D 4 . ? 3.17345  -5.51381 -8.71436  0.352 9.60765  ? 103 PYJ A CE1  1 
HETATM 354 C CE2  A PYJ D 4 . ? 3.05877  -5.14159 -8.46148  0.648 9.30895  ? 103 PYJ A CE2  1 
HETATM 355 C CE2  B PYJ D 4 . ? 2.06546  -6.82502 -7.05811  0.352 9.32169  ? 103 PYJ A CE2  1 
HETATM 356 C CZ   A PYJ D 4 . ? 2.17184  -4.10199 -8.31679  0.648 8.57802  ? 103 PYJ A CZ   1 
HETATM 357 C CZ   B PYJ D 4 . ? 3.03542  -6.69210 -8.01898  0.352 9.68976  ? 103 PYJ A CZ   1 
HETATM 358 H HCB1 A PYJ D 4 . ? 2.32431  -7.98804 -5.56037  0.648 11.84989 ? 103 PYJ A HCB1 1 
HETATM 359 H HCB1 B PYJ D 4 . ? -0.52002 -3.90567 -6.79701  0.352 12.96848 ? 103 PYJ A HCB1 1 
HETATM 360 H HCB2 A PYJ D 4 . ? 0.58033  -7.75460 -5.70845  0.648 11.84989 ? 103 PYJ A HCB2 1 
HETATM 361 H HCB2 B PYJ D 4 . ? 0.84559  -2.86104 -6.39487  0.352 12.96848 ? 103 PYJ A HCB2 1 
HETATM 362 H HCX1 A PYJ D 4 . ? 0.63275  -8.82761 -7.94602  0.648 11.71529 ? 103 PYJ A HCX1 1 
HETATM 363 H HCX1 B PYJ D 4 . ? 0.97265  -2.02389 -8.61100  0.352 12.94247 ? 103 PYJ A HCX1 1 
HETATM 364 H HCX2 A PYJ D 4 . ? 1.24894  -9.91021 -6.68373  0.648 11.71529 ? 103 PYJ A HCX2 1 
HETATM 365 H HCX2 B PYJ D 4 . ? -0.73431 -1.96755 -8.13325  0.352 12.94247 ? 103 PYJ A HCX2 1 
HETATM 366 H HCX3 A PYJ D 4 . ? 2.37904  -9.08292 -7.77165  0.648 11.71529 ? 103 PYJ A HCX3 1 
HETATM 367 H HCX3 B PYJ D 4 . ? -0.15625 -3.25460 -9.20771  0.352 12.94247 ? 103 PYJ A HCX3 1 
HETATM 368 H HCD1 A PYJ D 4 . ? 0.01483  -5.51382 -6.13572  0.648 10.06477 ? 103 PYJ A HCD1 1 
HETATM 369 H HCD1 B PYJ D 4 . ? 2.44402  -3.52332 -8.98575  0.352 11.20222 ? 103 PYJ A HCD1 1 
HETATM 370 H HCD2 A PYJ D 4 . ? 3.52354  -7.15718 -7.94706  0.648 10.93396 ? 103 PYJ A HCD2 1 
HETATM 371 H HCD2 B PYJ D 4 . ? 0.44223  -5.87705 -6.03211  0.352 11.33908 ? 103 PYJ A HCD2 1 
HETATM 372 H HCE1 A PYJ D 4 . ? 0.38057  -3.41188 -7.38621  0.648 9.87097  ? 103 PYJ A HCE1 1 
HETATM 373 H HCE1 B PYJ D 4 . ? 3.94187  -5.41845 -9.47156  0.352 11.53484 ? 103 PYJ A HCE1 1 
HETATM 374 H HCE2 A PYJ D 4 . ? 3.93098  -5.02505 -9.09279  0.648 11.17640 ? 103 PYJ A HCE2 1 
HETATM 375 H HCE2 B PYJ D 4 . ? 1.96944  -7.75538 -6.51213  0.352 11.19170 ? 103 PYJ A HCE2 1 
HETATM 376 H HCZ1 A PYJ D 4 . ? 2.33483  -3.17531 -8.85305  0.648 10.29929 ? 103 PYJ A HCZ1 1 
HETATM 377 H HCZ1 B PYJ D 4 . ? 3.69793  -7.52199 -8.23168  0.352 11.63338 ? 103 PYJ A HCZ1 1 
HETATM 378 C CB   A PYJ E 4 . ? -7.19304 -3.83285 3.08899   0.790 5.82149  ? 104 PYJ A CB   1 
HETATM 379 C CB   B PYJ E 4 . ? -7.22809 -5.42197 3.36951   0.210 8.72761  ? 104 PYJ A CB   1 
HETATM 380 C CX   A PYJ E 4 . ? -6.89344 -3.51676 4.55915   0.790 6.24052  ? 104 PYJ A CX   1 
HETATM 381 C CX   B PYJ E 4 . ? -6.69578 -5.09636 4.75064   0.210 9.10325  ? 104 PYJ A CX   1 
HETATM 382 C CG   A PYJ E 4 . ? -5.93645 -4.21222 2.32076   0.790 5.00494  ? 104 PYJ A CG   1 
HETATM 383 C CG   B PYJ E 4 . ? -6.19400 -4.83289 2.44840   0.210 8.25672  ? 104 PYJ A CG   1 
HETATM 384 C CD1  A PYJ E 4 . ? -5.61672 -5.55760 2.13668   0.790 5.02255  ? 104 PYJ A CD1  1 
HETATM 385 C CD1  B PYJ E 4 . ? -5.10947 -5.57274 2.02590   0.210 8.20051  ? 104 PYJ A CD1  1 
HETATM 386 C CD2  A PYJ E 4 . ? -5.10317 -3.24154 1.81141   0.790 4.59780  ? 104 PYJ A CD2  1 
HETATM 387 C CD2  B PYJ E 4 . ? -6.34602 -3.51797 2.09039   0.210 8.14462  ? 104 PYJ A CD2  1 
HETATM 388 C CE1  A PYJ E 4 . ? -4.46396 -5.89923 1.45759   0.790 4.70259  ? 104 PYJ A CE1  1 
HETATM 389 C CE1  B PYJ E 4 . ? -4.16594 -4.99173 1.20453   0.210 8.07017  ? 104 PYJ A CE1  1 
HETATM 390 C CE2  A PYJ E 4 . ? -3.94986 -3.60182 1.14624   0.790 4.87922  ? 104 PYJ A CE2  1 
HETATM 391 C CE2  B PYJ E 4 . ? -5.40622 -2.93994 1.27846   0.210 8.06457  ? 104 PYJ A CE2  1 
HETATM 392 C CZ   A PYJ E 4 . ? -3.62413 -4.92656 0.97446   0.790 4.80483  ? 104 PYJ A CZ   1 
HETATM 393 C CZ   B PYJ E 4 . ? -4.32117 -3.66890 0.82701   0.210 8.08009  ? 104 PYJ A CZ   1 
HETATM 394 H HCB1 A PYJ E 4 . ? -7.64045 -2.96025 2.62464   0.790 6.99145  ? 104 PYJ A HCB1 1 
HETATM 395 H HCB1 B PYJ E 4 . ? -8.19977 -4.96702 3.20799   0.210 10.47880 ? 104 PYJ A HCB1 1 
HETATM 396 H HCB2 A PYJ E 4 . ? -7.89758 -4.65664 3.04177   0.790 6.99145  ? 104 PYJ A HCB2 1 
HETATM 397 H HCB2 B PYJ E 4 . ? -7.31344 -6.49409 3.22640   0.210 10.47880 ? 104 PYJ A HCB2 1 
HETATM 398 H HCX1 A PYJ E 4 . ? -6.15323 -2.72408 4.61539   0.790 7.49429  ? 104 PYJ A HCX1 1 
HETATM 399 H HCX1 B PYJ E 4 . ? -5.91792 -5.80644 5.01546   0.210 10.92957 ? 104 PYJ A HCX1 1 
HETATM 400 H HCX2 A PYJ E 4 . ? -6.50929 -4.40627 5.04964   0.790 7.49429  ? 104 PYJ A HCX2 1 
HETATM 401 H HCX2 B PYJ E 4 . ? -7.50367 -5.15800 5.47376   0.210 10.92957 ? 104 PYJ A HCX2 1 
HETATM 402 H HCX3 A PYJ E 4 . ? -7.80560 -3.19604 5.05361   0.790 7.49429  ? 104 PYJ A HCX3 1 
HETATM 403 H HCX3 B PYJ E 4 . ? -6.28432 -4.09132 4.75232   0.210 10.92957 ? 104 PYJ A HCX3 1 
HETATM 404 H HCD1 A PYJ E 4 . ? -6.26924 -6.33011 2.52440   0.790 6.03273  ? 104 PYJ A HCD1 1 
HETATM 405 H HCD1 B PYJ E 4 . ? -4.99930 -6.60413 2.33732   0.210 9.84628  ? 104 PYJ A HCD1 1 
HETATM 406 H HCD2 A PYJ E 4 . ? -5.35343 -2.19491 1.93312   0.790 5.52303  ? 104 PYJ A HCD2 1 
HETATM 407 H HCD2 B PYJ E 4 . ? -7.19502 -2.94590 2.44368   0.210 9.77920  ? 104 PYJ A HCD2 1 
HETATM 408 H HCE1 A PYJ E 4 . ? -4.22029 -6.94334 1.30478   0.790 5.64877  ? 104 PYJ A HCE1 1 
HETATM 409 H HCE1 B PYJ E 4 . ? -3.31366 -5.56368 0.85900   0.210 9.68986  ? 104 PYJ A HCE1 1 
HETATM 410 H HCE2 A PYJ E 4 . ? -3.29426 -2.83354 0.75531   0.790 5.86072  ? 104 PYJ A HCE2 1 
HETATM 411 H HCE2 B PYJ E 4 . ? -5.51395 -1.90237 0.98736   0.210 9.68315  ? 104 PYJ A HCE2 1 
HETATM 412 H HCZ1 A PYJ E 4 . ? -2.71079 -5.20099 0.46126   0.790 5.77147  ? 104 PYJ A HCZ1 1 
HETATM 413 H HCZ1 B PYJ E 4 . ? -3.59098 -3.20369 0.17642   0.210 9.70177  ? 104 PYJ A HCZ1 1 
HETATM 414 C CB   A PYJ F 4 . ? -2.17624 4.38384  -4.33386  0.676 12.20553 ? 105 PYJ A CB   1 
HETATM 415 C CB   B PYJ F 4 . ? -4.13284 4.97034  -10.12261 0.324 15.26706 ? 105 PYJ A CB   1 
HETATM 416 C CX   A PYJ F 4 . ? -2.00729 4.27930  -2.82009  0.676 12.46521 ? 105 PYJ A CX   1 
HETATM 417 C CX   B PYJ F 4 . ? -3.32476 3.81319  -9.54405  0.324 15.16409 ? 105 PYJ A CX   1 
HETATM 418 C CG   A PYJ F 4 . ? -3.26314 3.47142  -4.88635  0.676 11.30239 ? 105 PYJ A CG   1 
HETATM 419 C CG   B PYJ F 4 . ? -4.05735 6.27047  -9.25768  0.324 15.28002 ? 105 PYJ A CG   1 
HETATM 420 C CD1  A PYJ F 4 . ? -4.03974 3.89116  -5.94957  0.676 11.29432 ? 105 PYJ A CD1  1 
HETATM 421 C CD1  B PYJ F 4 . ? -2.86935 6.89974  -9.51268  0.324 15.36889 ? 105 PYJ A CD1  1 
HETATM 422 C CD2  A PYJ F 4 . ? -3.47111 2.22927  -4.33127  0.676 11.35295 ? 105 PYJ A CD2  1 
HETATM 423 C CD2  B PYJ F 4 . ? -4.62587 6.79594  -8.07473  0.324 15.19075 ? 105 PYJ A CD2  1 
HETATM 424 C CE1  A PYJ F 4 . ? -5.03882 3.06173  -6.44124  0.676 11.25770 ? 105 PYJ A CE1  1 
HETATM 425 C CE1  B PYJ F 4 . ? -2.48745 8.08692  -8.93692  0.324 15.37518 ? 105 PYJ A CE1  1 
HETATM 426 C CE2  A PYJ F 4 . ? -4.46754 1.40360  -4.81323  0.676 11.09683 ? 105 PYJ A CE2  1 
HETATM 427 C CE2  B PYJ F 4 . ? -4.23193 7.95533  -7.44195  0.324 15.28102 ? 105 PYJ A CE2  1 
HETATM 428 C CZ   A PYJ F 4 . ? -5.25390 1.81894  -5.86019  0.676 11.22780 ? 105 PYJ A CZ   1 
HETATM 429 C CZ   B PYJ F 4 . ? -3.13256 8.61833  -7.86757  0.324 15.33299 ? 105 PYJ A CZ   1 
HETATM 430 H HCB1 A PYJ F 4 . ? -1.23419 4.12516  -4.80593  0.676 14.65230 ? 105 PYJ A HCB1 1 
HETATM 431 H HCB1 B PYJ F 4 . ? -5.17101 4.66435  -10.19877 0.324 18.32614 ? 105 PYJ A HCB1 1 
HETATM 432 H HCB2 A PYJ F 4 . ? -2.42523 5.40976  -4.58430  0.676 14.65230 ? 105 PYJ A HCB2 1 
HETATM 433 H HCB2 B PYJ F 4 . ? -3.75777 5.19258  -11.11616 0.324 18.32614 ? 105 PYJ A HCB2 1 
HETATM 434 H HCX1 A PYJ F 4 . ? -2.97977 4.34869  -2.34168  0.676 14.96392 ? 105 PYJ A HCX1 1 
HETATM 435 H HCX1 B PYJ F 4 . ? -3.98055 3.16483  -8.97050  0.324 18.20258 ? 105 PYJ A HCX1 1 
HETATM 436 H HCX2 A PYJ F 4 . ? -1.37303 5.08831  -2.46993  0.676 14.96392 ? 105 PYJ A HCX2 1 
HETATM 437 H HCX2 B PYJ F 4 . ? -2.54538 4.20403  -8.89658  0.324 18.20258 ? 105 PYJ A HCX2 1 
HETATM 438 H HCX3 A PYJ F 4 . ? -1.54891 3.32656  -2.57196  0.676 14.96392 ? 105 PYJ A HCX3 1 
HETATM 439 H HCX3 B PYJ F 4 . ? -2.87305 3.24691  -10.35319 0.324 18.20258 ? 105 PYJ A HCX3 1 
HETATM 440 H HCD1 A PYJ F 4 . ? -3.86987 4.86257  -6.39722  0.676 13.55885 ? 105 PYJ A HCD1 1 
HETATM 441 H HCD1 B PYJ F 4 . ? -2.18743 6.43247  -10.21233 0.324 18.44834 ? 105 PYJ A HCD1 1 
HETATM 442 H HCD2 A PYJ F 4 . ? -2.84834 1.89676  -3.51000  0.676 13.62920 ? 105 PYJ A HCD2 1 
HETATM 443 H HCD2 B PYJ F 4 . ? -5.44059 6.23996  -7.62749  0.324 18.23457 ? 105 PYJ A HCD2 1 
HETATM 444 H HCE1 A PYJ F 4 . ? -5.64906 3.38332  -7.27614  0.676 13.51490 ? 105 PYJ A HCE1 1 
HETATM 445 H HCE1 B PYJ F 4 . ? -1.64005 8.61870  -9.35167  0.324 18.45588 ? 105 PYJ A HCE1 1 
HETATM 446 H HCE2 A PYJ F 4 . ? -4.62878 0.43026  -4.36656  0.676 13.32186 ? 105 PYJ A HCE2 1 
HETATM 447 H HCE2 B PYJ F 4 . ? -4.80277 8.33549  -6.60380  0.324 18.34289 ? 105 PYJ A HCE2 1 
HETATM 448 H HCZ1 A PYJ F 4 . ? -6.04226 1.17664  -6.23276  0.676 13.47902 ? 105 PYJ A HCZ1 1 
HETATM 449 H HCZ1 B PYJ F 4 . ? -2.78645 9.52255  -7.38230  0.324 18.40525 ? 105 PYJ A HCZ1 1 
HETATM 450 C CB   A PYJ G 4 . ? -2.52084 1.14001  -8.00800  0.718 13.26573 ? 106 PYJ A CB   1 
HETATM 451 C CB   B PYJ G 4 . ? -4.84045 -2.91396 -10.36300 0.282 11.91364 ? 106 PYJ A CB   1 
HETATM 452 C CX   A PYJ G 4 . ? -1.01837 1.14610  -7.96014  0.718 14.01698 ? 106 PYJ A CX   1 
HETATM 453 C CX   B PYJ G 4 . ? -3.91265 -3.47123 -11.43168 0.282 12.08898 ? 106 PYJ A CX   1 
HETATM 454 C CG   A PYJ G 4 . ? -3.01012 -0.18669 -8.56263  0.718 11.72825 ? 106 PYJ A CG   1 
HETATM 455 C CG   B PYJ G 4 . ? -4.16883 -1.86773 -9.50563  0.282 11.60802 ? 106 PYJ A CG   1 
HETATM 456 C CD1  A PYJ G 4 . ? -3.18735 -1.29187 -7.73693  0.718 10.80499 ? 106 PYJ A CD1  1 
HETATM 457 C CD1  B PYJ G 4 . ? -3.83893 -0.63276 -10.03140 0.282 11.49927 ? 106 PYJ A CD1  1 
HETATM 458 C CD2  A PYJ G 4 . ? -3.26393 -0.28328 -9.91826  0.718 11.62914 ? 106 PYJ A CD2  1 
HETATM 459 C CD2  B PYJ G 4 . ? -3.90725 -2.18277 -8.18649  0.282 11.31842 ? 106 PYJ A CD2  1 
HETATM 460 C CE1  A PYJ G 4 . ? -3.62741 -2.48882 -8.27794  0.718 9.71316  ? 106 PYJ A CE1  1 
HETATM 461 C CE1  B PYJ G 4 . ? -3.22083 0.30236  -9.21474  0.282 11.39950 ? 106 PYJ A CE1  1 
HETATM 462 C CE2  A PYJ G 4 . ? -3.70744 -1.48008 -10.45345 0.718 11.45701 ? 106 PYJ A CE2  1 
HETATM 463 C CE2  B PYJ G 4 . ? -3.31031 -1.23806 -7.37881  0.282 11.27331 ? 106 PYJ A CE2  1 
HETATM 464 C CZ   A PYJ G 4 . ? -3.89015 -2.57468 -9.62783  0.718 10.34020 ? 106 PYJ A CZ   1 
HETATM 465 C CZ   B PYJ G 4 . ? -2.94692 -0.00477 -7.89160  0.282 11.35711 ? 106 PYJ A CZ   1 
HETATM 466 H HCB1 A PYJ G 4 . ? -2.91656 1.28358  -7.00799  0.718 15.92454 ? 106 PYJ A HCB1 1 
HETATM 467 H HCB1 B PYJ G 4 . ? -5.70473 -2.46986 -10.84572 0.282 14.30203 ? 106 PYJ A HCB1 1 
HETATM 468 H HCB2 A PYJ G 4 . ? -2.86717 1.94884  -8.64289  0.718 15.92454 ? 106 PYJ A HCB2 1 
HETATM 469 H HCB2 B PYJ G 4 . ? -5.17224 -3.72822 -9.72728  0.282 14.30203 ? 106 PYJ A HCB2 1 
HETATM 470 H HCX1 A PYJ G 4 . ? -0.63322 1.77039  -8.76096  0.718 16.82604 ? 106 PYJ A HCX1 1 
HETATM 471 H HCX1 B PYJ G 4 . ? -2.97566 -3.77556 -10.97471 0.282 14.51245 ? 106 PYJ A HCX1 1 
HETATM 472 H HCX2 A PYJ G 4 . ? -0.64822 0.13236  -8.08145  0.718 16.82604 ? 106 PYJ A HCX2 1 
HETATM 473 H HCX2 B PYJ G 4 . ? -3.71977 -2.70644 -12.17819 0.282 14.51245 ? 106 PYJ A HCX2 1 
HETATM 474 H HCX3 A PYJ G 4 . ? -0.68828 1.53996  -7.00342  0.718 16.82604 ? 106 PYJ A HCX3 1 
HETATM 475 H HCX3 B PYJ G 4 . ? -4.38013 -4.32954 -11.90513 0.282 14.51245 ? 106 PYJ A HCX3 1 
HETATM 476 H HCD1 A PYJ G 4 . ? -2.98230 -1.21700 -6.67615  0.718 12.97166 ? 106 PYJ A HCD1 1 
HETATM 477 H HCD1 B PYJ G 4 . ? -4.05979 -0.39886 -11.06553 0.282 13.80479 ? 106 PYJ A HCD1 1 
HETATM 478 H HCD2 A PYJ G 4 . ? -3.11595 0.57620  -10.56034 0.718 13.96063 ? 106 PYJ A HCD2 1 
HETATM 479 H HCD2 B PYJ G 4 . ? -4.16718 -3.15744 -7.79237  0.282 13.58777 ? 106 PYJ A HCD2 1 
HETATM 480 H HCE1 A PYJ G 4 . ? -3.76455 -3.35451 -7.64180  0.718 11.66146 ? 106 PYJ A HCE1 1 
HETATM 481 H HCE1 B PYJ G 4 . ? -2.95200 1.27354  -9.61152  0.282 13.68507 ? 106 PYJ A HCE1 1 
HETATM 482 H HCE2 A PYJ G 4 . ? -3.91057 -1.55922 -11.51429 0.718 13.75408 ? 106 PYJ A HCE2 1 
HETATM 483 H HCE2 B PYJ G 4 . ? -3.12444 -1.46255 -6.33577  0.282 13.53364 ? 106 PYJ A HCE2 1 
HETATM 484 H HCZ1 A PYJ G 4 . ? -4.24335 -3.50886 -10.04670 0.718 12.41390 ? 106 PYJ A HCZ1 1 
HETATM 485 H HCZ1 B PYJ G 4 . ? -2.44884 0.71962  -7.25910  0.282 13.63420 ? 106 PYJ A HCZ1 1 
# 
loop_
_atom_site_anisotrop.id 
_atom_site_anisotrop.type_symbol 
_atom_site_anisotrop.pdbx_label_atom_id 
_atom_site_anisotrop.pdbx_label_alt_id 
_atom_site_anisotrop.pdbx_label_comp_id 
_atom_site_anisotrop.pdbx_label_asym_id 
_atom_site_anisotrop.pdbx_label_seq_id 
_atom_site_anisotrop.pdbx_PDB_ins_code 
_atom_site_anisotrop.U[1][1] 
_atom_site_anisotrop.U[2][2] 
_atom_site_anisotrop.U[3][3] 
_atom_site_anisotrop.U[1][2] 
_atom_site_anisotrop.U[1][3] 
_atom_site_anisotrop.U[2][3] 
_atom_site_anisotrop.pdbx_auth_seq_id 
_atom_site_anisotrop.pdbx_auth_comp_id 
_atom_site_anisotrop.pdbx_auth_asym_id 
_atom_site_anisotrop.pdbx_auth_atom_id 
1   N N   A LEU A 1 ? 0.05040 0.06387 0.04014 -0.00235 0.00172  0.00122  2   LEU A N   
2   N N   B LEU A 1 ? 0.05182 0.06945 0.04341 -0.00911 -0.00839 -0.02009 2   LEU A N   
3   C CA  A LEU A 1 ? 0.04478 0.05370 0.04648 -0.00632 0.00554  -0.00395 2   LEU A CA  
4   C CA  B LEU A 1 ? 0.03883 0.05573 0.05706 -0.00577 -0.00662 -0.01862 2   LEU A CA  
5   C C   A LEU A 1 ? 0.03931 0.05179 0.04693 0.00097  0.00690  -0.00318 2   LEU A C   
6   C C   B LEU A 1 ? 0.03714 0.05601 0.05660 -0.00487 0.00486  -0.01100 2   LEU A C   
7   O O   A LEU A 1 ? 0.04045 0.05441 0.05130 -0.00511 0.00988  -0.00099 2   LEU A O   
8   O O   B LEU A 1 ? 0.03048 0.05751 0.06450 -0.00188 0.01165  -0.00823 2   LEU A O   
9   C CB  A LEU A 1 ? 0.05266 0.05469 0.04821 -0.00098 0.00503  -0.00645 2   LEU A CB  
10  C CB  B LEU A 1 ? 0.03332 0.04990 0.06492 0.00404  -0.01623 -0.02087 2   LEU A CB  
11  C CG  A LEU A 1 ? 0.05738 0.04990 0.05420 0.00501  0.00140  -0.00450 2   LEU A CG  
12  C CG  B LEU A 1 ? 0.05435 0.05462 0.06916 0.00572  -0.01585 -0.01984 2   LEU A CG  
13  C CD1 A LEU A 1 ? 0.07149 0.05223 0.06505 0.00374  0.00172  -0.00124 2   LEU A CD1 
14  C CD1 B LEU A 1 ? 0.06828 0.05209 0.07122 0.01038  -0.00915 -0.02060 2   LEU A CD1 
15  C CD2 A LEU A 1 ? 0.06830 0.05482 0.05523 0.00624  -0.00028 0.00225  2   LEU A CD2 
16  C CD2 B LEU A 1 ? 0.06087 0.06114 0.06739 0.00739  -0.01660 -0.01820 2   LEU A CD2 
39  N N   . AIB A 2 ? 0.03524 0.05619 0.04673 -0.00409 0.00556  -0.00478 3   AIB A N   
40  C CA  . AIB A 2 ? 0.03231 0.05751 0.04129 -0.00129 0.00252  -0.00137 3   AIB A CA  
41  C C   . AIB A 2 ? 0.03800 0.05032 0.04443 -0.00059 0.00282  -0.00278 3   AIB A C   
42  O O   . AIB A 2 ? 0.04059 0.05995 0.04797 0.00217  0.00640  -0.00336 3   AIB A O   
43  C CB1 . AIB A 2 ? 0.03963 0.07337 0.05069 0.00423  0.00061  0.01231  3   AIB A CB1 
44  C CB2 . AIB A 2 ? 0.03941 0.06205 0.04777 -0.00961 0.00380  -0.00725 3   AIB A CB2 
52  N N   . ALA A 3 ? 0.04093 0.05614 0.05368 0.00224  0.00568  0.00609  4   ALA A N   
53  C CA  . ALA A 3 ? 0.05094 0.06454 0.06941 0.01277  0.00950  0.02164  4   ALA A CA  
54  C C   . ALA A 3 ? 0.04407 0.07774 0.06159 0.01182  0.00038  0.02296  4   ALA A C   
55  O O   . ALA A 3 ? 0.04834 0.08026 0.07673 0.02049  0.00952  0.02874  4   ALA A O   
56  C CB  . ALA A 3 ? 0.06967 0.08374 0.09518 0.01935  0.01778  0.04514  4   ALA A CB  
62  N N   . AIB A 4 ? 0.03823 0.08971 0.05282 -0.00233 -0.00319 0.01505  5   AIB A N   
63  C CA  . AIB A 4 ? 0.03965 0.10614 0.05545 -0.01316 -0.00638 0.01235  5   AIB A CA  
64  C C   . AIB A 4 ? 0.03726 0.06476 0.05540 -0.00142 0.00077  0.00309  5   AIB A C   
65  O O   . AIB A 4 ? 0.03634 0.08166 0.05950 0.00233  0.00115  0.00725  5   AIB A O   
66  C CB1 . AIB A 4 ? 0.04712 0.14514 0.07235 -0.01727 -0.01396 0.03562  5   AIB A CB1 
67  C CB2 . AIB A 4 ? 0.05926 0.11021 0.05083 -0.03076 0.00278  -0.00859 5   AIB A CB2 
75  N N   A LEU A 5 ? 0.03409 0.04950 0.04871 0.00427  0.00103  0.00065  6   LEU A N   
76  N N   B LEU A 5 ? 0.03613 0.05735 0.05118 0.00061  0.00129  0.00371  6   LEU A N   
77  C CA  A LEU A 5 ? 0.03807 0.04239 0.04890 0.00613  -0.00009 -0.00100 6   LEU A CA  
78  C CA  B LEU A 5 ? 0.03767 0.05297 0.04961 0.00338  0.00177  0.00388  6   LEU A CA  
79  C C   A LEU A 5 ? 0.03829 0.04482 0.05231 0.00738  -0.00077 0.00063  6   LEU A C   
80  C C   B LEU A 5 ? 0.04118 0.05475 0.04919 0.00434  0.00092  0.00275  6   LEU A C   
81  O O   A LEU A 5 ? 0.04380 0.04872 0.05591 0.01013  0.00648  0.00245  6   LEU A O   
82  O O   B LEU A 5 ? 0.04316 0.06043 0.04178 0.00539  0.00098  0.00207  6   LEU A O   
83  C CB  A LEU A 5 ? 0.04730 0.04065 0.05063 0.00886  -0.00084 0.00017  6   LEU A CB  
84  C CB  B LEU A 5 ? 0.03749 0.05161 0.04970 0.00135  -0.00039 0.00759  6   LEU A CB  
85  C CG  A LEU A 5 ? 0.04942 0.04901 0.06417 0.00616  0.00437  0.00232  6   LEU A CG  
86  C CG  B LEU A 5 ? 0.03982 0.04114 0.06005 0.00120  0.00686  0.00635  6   LEU A CG  
87  C CD1 A LEU A 5 ? 0.05901 0.05399 0.08839 0.01471  0.00397  0.01375  6   LEU A CD1 
88  C CD1 B LEU A 5 ? 0.05750 0.04107 0.05785 0.00064  0.01674  0.00167  6   LEU A CD1 
89  C CD2 A LEU A 5 ? 0.06882 0.04404 0.07947 0.00187  0.01281  0.00193  6   LEU A CD2 
90  C CD2 B LEU A 5 ? 0.04718 0.04355 0.07108 -0.00236 0.00701  0.01251  6   LEU A CD2 
113 N N   . AIB A 6 ? 0.04064 0.04951 0.05961 0.00472  0.00748  -0.00106 7   AIB A N   
114 C CA  . AIB A 6 ? 0.03762 0.05199 0.06408 -0.00095 -0.00059 -0.00590 7   AIB A CA  
115 C C   . AIB A 6 ? 0.03698 0.04202 0.05279 -0.00133 0.00198  -0.00375 7   AIB A C   
116 O O   . AIB A 6 ? 0.04309 0.04120 0.05196 -0.00293 0.00008  -0.00609 7   AIB A O   
117 C CB1 . AIB A 6 ? 0.04933 0.07202 0.07056 0.00914  -0.01192 -0.00475 7   AIB A CB1 
118 C CB2 . AIB A 6 ? 0.04761 0.05423 0.08488 -0.00882 0.01386  -0.00928 7   AIB A CB2 
126 N N   . GLN A 7 ? 0.03782 0.04177 0.04690 -0.00002 0.00215  -0.00413 8   GLN A N   
127 C CA  . GLN A 7 ? 0.03870 0.03729 0.04137 0.00270  0.00207  -0.00255 8   GLN A CA  
128 C C   . GLN A 7 ? 0.04012 0.03982 0.03854 -0.00031 -0.00267 -0.00409 8   GLN A C   
129 O O   . GLN A 7 ? 0.04159 0.04739 0.04139 0.00648  -0.00069 -0.00370 8   GLN A O   
130 C CB  . GLN A 7 ? 0.04437 0.04062 0.03692 0.00160  -0.00062 -0.00068 8   GLN A CB  
131 C CG  . GLN A 7 ? 0.04226 0.04084 0.04355 -0.00002 -0.00322 -0.00291 8   GLN A CG  
132 C CD  . GLN A 7 ? 0.03662 0.04403 0.04551 -0.00523 0.00260  -0.00226 8   GLN A CD  
133 O OE1 . GLN A 7 ? 0.03849 0.05439 0.04316 0.00300  -0.00104 0.00024  8   GLN A OE1 
134 N NE2 . GLN A 7 ? 0.03975 0.04936 0.06536 -0.00153 -0.00583 -0.01420 8   GLN A NE2 
143 N N   . AIB A 8 ? 0.04270 0.03672 0.04224 -0.00079 -0.00306 -0.00108 9   AIB A N   
144 C CA  . AIB A 8 ? 0.04732 0.04283 0.04438 -0.00458 -0.00438 0.00381  9   AIB A CA  
145 C C   . AIB A 8 ? 0.05099 0.04560 0.03899 -0.00058 -0.00742 0.00110  9   AIB A C   
146 O O   . AIB A 8 ? 0.06430 0.06489 0.04197 -0.00767 0.00340  -0.00047 9   AIB A O   
147 C CB1 . AIB A 8 ? 0.04788 0.05659 0.05276 -0.01102 -0.00395 0.00289  9   AIB A CB1 
148 C CB2 . AIB A 8 ? 0.06341 0.04719 0.05694 -0.00130 -0.00624 0.01361  9   AIB A CB2 
156 N N   A LEU A 9 ? 0.04531 0.03711 0.04418 0.00113  -0.00184 -0.00108 10  LEU A N   
157 N N   B LEU A 9 ? 0.05060 0.04551 0.04740 0.00132  -0.01192 0.00102  10  LEU A N   
158 C CA  A LEU A 9 ? 0.05501 0.03866 0.04052 -0.00123 -0.00602 -0.00099 10  LEU A CA  
159 C CA  B LEU A 9 ? 0.05400 0.04631 0.05565 -0.00150 -0.01692 0.00072  10  LEU A CA  
160 C C   A LEU A 9 ? 0.06225 0.04140 0.03863 0.00141  -0.00195 -0.00187 10  LEU A C   
161 C C   B LEU A 9 ? 0.05807 0.04648 0.05946 0.00141  -0.01959 -0.00172 10  LEU A C   
162 O O   A LEU A 9 ? 0.07633 0.03804 0.05557 -0.00348 -0.01025 -0.00035 10  LEU A O   
163 O O   B LEU A 9 ? 0.06512 0.03388 0.05357 0.00859  -0.01376 -0.00925 10  LEU A O   
164 C CB  A LEU A 9 ? 0.04862 0.04846 0.03946 -0.00243 -0.00739 0.00049  10  LEU A CB  
165 C CB  B LEU A 9 ? 0.05930 0.04951 0.05379 -0.00420 -0.00754 0.00044  10  LEU A CB  
166 C CG  A LEU A 9 ? 0.04820 0.05129 0.04168 0.00313  -0.00417 0.00040  10  LEU A CG  
167 C CG  B LEU A 9 ? 0.06183 0.05808 0.05291 0.00034  0.00013  0.00162  10  LEU A CG  
168 C CD1 A LEU A 9 ? 0.05156 0.06950 0.05886 0.00541  -0.00951 0.00793  10  LEU A CD1 
169 C CD1 B LEU A 9 ? 0.06874 0.06904 0.05086 0.00514  0.00793  0.00491  10  LEU A CD1 
170 C CD2 A LEU A 9 ? 0.05757 0.05323 0.04614 0.00871  -0.00120 0.00540  10  LEU A CD2 
171 C CD2 B LEU A 9 ? 0.06260 0.05755 0.06017 -0.00070 0.00599  0.00249  10  LEU A CD2 
194 C C11 A I77 B . ? 0.07085 0.04885 0.04774 0.00664  -0.00261 0.00078  101 I77 A C11 
195 C C11 B I77 B . ? 0.10482 0.07651 0.08726 -0.01336 0.00895  0.00656  101 I77 A C11 
196 C C12 A I77 B . ? 0.07034 0.04122 0.05311 0.00571  -0.00022 -0.00335 101 I77 A C12 
197 C C12 B I77 B . ? 0.10124 0.07492 0.08537 -0.01183 0.00576  0.00524  101 I77 A C12 
198 C C13 A I77 B . ? 0.06723 0.04148 0.04783 0.00772  0.00573  -0.00165 101 I77 A C13 
199 C C13 B I77 B . ? 0.10245 0.07710 0.08401 -0.00963 0.00176  0.00730  101 I77 A C13 
200 C C17 A I77 B . ? 0.07266 0.05556 0.07881 -0.00276 0.00148  0.01070  101 I77 A C17 
201 C C17 B I77 B . ? 0.10003 0.07415 0.08539 -0.01426 0.00672  0.00552  101 I77 A C17 
202 C C18 A I77 B . ? 0.05884 0.05812 0.07448 -0.00663 0.00298  0.01145  101 I77 A C18 
203 C C18 B I77 B . ? 0.10179 0.07203 0.08436 -0.01490 0.01214  0.00449  101 I77 A C18 
204 C C02 A I77 B . ? 0.05441 0.03957 0.04321 0.00036  -0.00191 0.00423  101 I77 A C02 
205 C C02 B I77 B . ? 0.07243 0.07482 0.05265 -0.01335 0.00346  0.00185  101 I77 A C02 
206 C C03 A I77 B . ? 0.06299 0.04361 0.03932 -0.00505 -0.00011 0.00469  101 I77 A C03 
207 C C03 B I77 B . ? 0.07828 0.07601 0.05773 -0.01547 0.00390  0.00357  101 I77 A C03 
208 C C04 A I77 B . ? 0.07548 0.05710 0.04294 -0.01185 -0.00083 0.00798  101 I77 A C04 
209 C C04 B I77 B . ? 0.08360 0.07755 0.06354 -0.01791 0.00576  0.00502  101 I77 A C04 
210 C C05 A I77 B . ? 0.07067 0.05263 0.04322 -0.00760 0.00043  0.00708  101 I77 A C05 
211 C C05 B I77 B . ? 0.08856 0.07721 0.06761 -0.01973 0.00735  0.00549  101 I77 A C05 
212 C C06 A I77 B . ? 0.07150 0.05896 0.06049 0.00242  -0.00415 0.01725  101 I77 A C06 
213 C C06 B I77 B . ? 0.08699 0.07495 0.06176 -0.01449 0.00736  0.00403  101 I77 A C06 
214 C C08 A I77 B . ? 0.07875 0.04778 0.04228 -0.00728 -0.00090 0.00146  101 I77 A C08 
215 C C08 B I77 B . ? 0.09665 0.07426 0.07118 -0.02004 0.00930  0.00455  101 I77 A C08 
216 C C09 A I77 B . ? 0.06507 0.04713 0.04911 0.00038  -0.00139 0.00227  101 I77 A C09 
217 C C09 B I77 B . ? 0.10161 0.07285 0.07955 -0.01707 0.01192  0.00419  101 I77 A C09 
218 N N01 A I77 B . ? 0.05966 0.04804 0.06392 0.00618  -0.00031 0.01361  101 I77 A N01 
219 N N01 B I77 B . ? 0.07231 0.07396 0.06080 -0.01525 0.00491  0.00350  101 I77 A N01 
220 N N07 A I77 B . ? 0.07822 0.06839 0.06752 0.00680  -0.00750 0.01874  101 I77 A N07 
221 N N07 B I77 B . ? 0.09482 0.07462 0.06626 -0.01585 0.01083  0.00426  101 I77 A N07 
222 N N10 A I77 B . ? 0.06740 0.05055 0.04833 0.00753  -0.00091 0.00312  101 I77 A N10 
223 N N10 B I77 B . ? 0.10578 0.07572 0.08531 -0.01474 0.01290  0.00589  101 I77 A N10 
224 N N14 A I77 B . ? 0.06927 0.04017 0.04439 0.01010  0.00981  0.00343  101 I77 A N14 
225 N N14 B I77 B . ? 0.09101 0.07055 0.07380 -0.00686 -0.00299 0.00464  101 I77 A N14 
226 N N15 A I77 B . ? 0.07323 0.03888 0.03980 0.00743  0.00437  0.00054  101 I77 A N15 
227 N N15 B I77 B . ? 0.07551 0.06183 0.06284 -0.00413 -0.01156 0.00213  101 I77 A N15 
228 O O16 A I77 B . ? 0.09311 0.06188 0.05551 0.02124  0.01500  0.00869  101 I77 A O16 
229 O O16 B I77 B . ? 0.11211 0.08241 0.08860 -0.00947 0.00462  0.00986  101 I77 A O16 
230 O O19 A I77 B . ? 0.06203 0.05636 0.05402 -0.00135 0.00427  0.01674  101 I77 A O19 
231 O O19 B I77 B . ? 0.06926 0.07460 0.04619 -0.00856 0.00753  -0.00030 101 I77 A O19 
252 C C05 A I6W C . ? 0.06956 0.04154 0.04273 -0.00223 -0.00419 -0.00533 102 I6W A C05 
253 C C05 B I6W C . ? 0.10938 0.08957 0.05112 -0.01795 -0.01563 -0.01704 102 I6W A C05 
254 C C05 C I6W C . ? 0.08689 0.06024 0.07262 0.00498  -0.01184 -0.00421 102 I6W A C05 
255 C C08 A I6W C . ? 0.06832 0.05514 0.04655 0.00317  -0.00633 0.00269  102 I6W A C08 
256 C C08 B I6W C . ? 0.12057 0.08628 0.05947 -0.00951 -0.01616 -0.01924 102 I6W A C08 
257 C C08 C I6W C . ? 0.09170 0.05984 0.07258 0.00364  -0.01273 -0.00445 102 I6W A C08 
258 C C09 A I6W C . ? 0.08261 0.05820 0.05198 -0.00199 -0.00433 0.00439  102 I6W A C09 
259 C C09 B I6W C . ? 0.13605 0.08898 0.07459 0.00040  -0.01748 -0.01729 102 I6W A C09 
260 C C09 C I6W C . ? 0.10100 0.06229 0.06871 0.00409  -0.00982 -0.00397 102 I6W A C09 
261 N N10 A I6W C . ? 0.08599 0.05187 0.04940 -0.00766 -0.00565 -0.00498 102 I6W A N10 
262 N N10 B I6W C . ? 0.14536 0.09314 0.08308 0.00278  -0.02023 -0.01482 102 I6W A N10 
263 N N10 C I6W C . ? 0.10563 0.06243 0.06704 0.00190  -0.00969 -0.00377 102 I6W A N10 
264 C C02 A I6W C . ? 0.06171 0.06067 0.04452 0.00659  -0.00127 0.00268  102 I6W A C02 
265 C C02 B I6W C . ? 0.07632 0.07885 0.03037 -0.01137 -0.00255 -0.01914 102 I6W A C02 
266 C C02 C I6W C . ? 0.06015 0.04836 0.07174 0.00283  -0.02829 -0.01138 102 I6W A C02 
267 C C03 A I6W C . ? 0.06533 0.06236 0.04609 0.00800  -0.00574 0.00453  102 I6W A C03 
268 C C03 B I6W C . ? 0.09548 0.08191 0.03703 -0.01549 -0.00772 -0.02066 102 I6W A C03 
269 C C03 C I6W C . ? 0.07507 0.05380 0.07486 0.00414  -0.01862 -0.00753 102 I6W A C03 
270 C C04 A I6W C . ? 0.07490 0.04101 0.04367 0.00116  -0.00120 -0.00349 102 I6W A C04 
271 C C04 B I6W C . ? 0.10169 0.08867 0.04369 -0.01888 -0.01357 -0.01701 102 I6W A C04 
272 C C04 C I6W C . ? 0.08110 0.05829 0.07377 0.00291  -0.01366 -0.00547 102 I6W A C04 
273 C C06 A I6W C . ? 0.06967 0.08227 0.05907 0.01417  -0.00540 0.02013  102 I6W A C06 
274 C C06 B I6W C . ? 0.10281 0.08681 0.04765 -0.01492 -0.01711 -0.01823 102 I6W A C06 
275 C C06 C I6W C . ? 0.08212 0.05615 0.07784 0.00040  -0.01730 -0.00580 102 I6W A C06 
276 C C11 A I6W C . ? 0.08700 0.04954 0.04333 -0.00913 -0.00224 -0.00964 102 I6W A C11 
277 C C11 B I6W C . ? 0.14700 0.09558 0.09206 0.00751  -0.01894 -0.01308 102 I6W A C11 
278 C C11 C I6W C . ? 0.10698 0.06464 0.06377 0.00103  -0.01070 -0.00355 102 I6W A C11 
279 C C12 A I6W C . ? 0.10038 0.05129 0.05154 -0.00521 -0.00439 -0.00018 102 I6W A C12 
280 C C12 B I6W C . ? 0.14531 0.09531 0.09921 0.00905  -0.01911 -0.01162 102 I6W A C12 
281 C C12 C I6W C . ? 0.10927 0.06857 0.06452 -0.00017 -0.01005 -0.00180 102 I6W A C12 
282 C C13 A I6W C . ? 0.09849 0.05551 0.04967 -0.00539 -0.00396 0.00312  102 I6W A C13 
283 C C13 B I6W C . ? 0.15180 0.10150 0.11702 0.01243  -0.01526 -0.00428 102 I6W A C13 
284 C C13 C I6W C . ? 0.10997 0.07253 0.06576 -0.00451 -0.01125 0.00073  102 I6W A C13 
285 C C15 A I6W C . ? 0.11172 0.05994 0.04947 -0.00747 0.00611  0.00670  102 I6W A C15 
286 C C15 B I6W C . ? 0.16066 0.10690 0.13910 0.01245  -0.00857 0.00345  102 I6W A C15 
287 C C15 C I6W C . ? 0.10619 0.08381 0.07713 -0.01019 -0.01136 0.01262  102 I6W A C15 
288 C C16 A I6W C . ? 0.09880 0.07139 0.05977 -0.01651 -0.01040 0.01420  102 I6W A C16 
289 C C16 B I6W C . ? 0.16174 0.10770 0.14093 0.01379  -0.00734 0.00305  102 I6W A C16 
290 C C16 C I6W C . ? 0.10705 0.08454 0.08039 -0.01067 -0.00907 0.01407  102 I6W A C16 
291 C C18 A I6W C . ? 0.10378 0.07419 0.06780 -0.00226 0.00174  0.01780  102 I6W A C18 
292 C C18 B I6W C . ? 0.14009 0.09534 0.09125 0.00741  -0.02091 -0.01267 102 I6W A C18 
293 C C18 C I6W C . ? 0.10993 0.06706 0.06591 0.00414  -0.00765 -0.00255 102 I6W A C18 
294 C C19 A I6W C . ? 0.09323 0.07559 0.06579 0.00164  0.00314  0.01973  102 I6W A C19 
295 C C19 B I6W C . ? 0.13851 0.09409 0.08301 0.00413  -0.01859 -0.01396 102 I6W A C19 
296 C C19 C I6W C . ? 0.10673 0.06446 0.06768 0.00651  -0.00694 -0.00333 102 I6W A C19 
297 N N07 A I6W C . ? 0.07458 0.08155 0.06350 0.00701  -0.00523 0.02179  102 I6W A N07 
298 N N07 B I6W C . ? 0.11483 0.08454 0.05353 -0.01204 -0.01586 -0.02038 102 I6W A N07 
299 N N07 C I6W C . ? 0.08676 0.05718 0.07807 0.00170  -0.01502 -0.00436 102 I6W A N07 
300 O O01 A I6W C . ? 0.06576 0.07256 0.04458 0.00693  0.00300  0.00371  102 I6W A O01 
301 O O01 B I6W C . ? 0.07884 0.07575 0.03014 -0.01134 0.00154  -0.01918 102 I6W A O01 
302 O O01 C I6W C . ? 0.05938 0.04872 0.07348 0.00097  -0.02846 -0.01194 102 I6W A O01 
303 O O14 A I6W C . ? 0.11196 0.05536 0.04171 -0.00740 -0.00217 0.00333  102 I6W A O14 
304 O O14 B I6W C . ? 0.15918 0.10425 0.13276 0.01352  -0.00848 0.00125  102 I6W A O14 
305 O O14 C I6W C . ? 0.10467 0.07863 0.06860 -0.00915 -0.01384 0.00648  102 I6W A O14 
306 O O17 A I6W C . ? 0.10519 0.07591 0.06868 0.00458  0.00300  0.02101  102 I6W A O17 
307 O O17 B I6W C . ? 0.15187 0.10374 0.11708 0.01232  -0.01940 -0.00298 102 I6W A O17 
308 O O17 C I6W C . ? 0.11399 0.07186 0.06666 -0.00531 -0.01119 0.00018  102 I6W A O17 
342 C CB  A PYJ D . ? 0.12310 0.13099 0.12094 0.00426  -0.01452 -0.03903 103 PYJ A CB  
343 C CB  B PYJ D . ? 0.12359 0.11745 0.16940 -0.01634 0.02185  -0.04167 103 PYJ A CB  
344 C CX  A PYJ D . ? 0.12580 0.12974 0.11523 0.01180  -0.00714 -0.04182 103 PYJ A CX  
345 C CX  B PYJ D . ? 0.11787 0.11625 0.17550 -0.01953 0.01593  -0.04193 103 PYJ A CX  
346 C CG  A PYJ D . ? 0.10093 0.12235 0.11750 0.00644  -0.02724 -0.04570 103 PYJ A CG  
347 C CG  B PYJ D . ? 0.10803 0.11366 0.15313 -0.01699 0.01764  -0.04692 103 PYJ A CG  
348 C CD1 A PYJ D . ? 0.09266 0.11661 0.10922 0.00205  -0.02500 -0.05531 103 PYJ A CD1 
349 C CD1 B PYJ D . ? 0.09868 0.10706 0.14878 -0.02049 0.01325  -0.04904 103 PYJ A CD1 
350 C CD2 A PYJ D . ? 0.09142 0.12350 0.13111 0.01328  -0.02522 -0.04148 103 PYJ A CD2 
351 C CD2 B PYJ D . ? 0.09955 0.11465 0.14466 -0.02035 0.01071  -0.04902 103 PYJ A CD2 
352 C CE1 A PYJ D . ? 0.09427 0.11443 0.10368 0.00164  -0.03072 -0.05597 103 PYJ A CE1 
353 C CE1 B PYJ D . ? 0.10430 0.10856 0.15220 -0.02071 0.01791  -0.04633 103 PYJ A CE1 
354 C CE2 A PYJ D . ? 0.10597 0.12213 0.12560 0.00541  -0.01527 -0.04629 103 PYJ A CE2 
355 C CE2 B PYJ D . ? 0.09853 0.11442 0.14124 -0.02250 0.01278  -0.04869 103 PYJ A CE2 
356 C CZ  A PYJ D . ? 0.10115 0.12241 0.10236 -0.00197 -0.02521 -0.05407 103 PYJ A CZ  
357 C CZ  B PYJ D . ? 0.10751 0.11230 0.14837 -0.01941 0.02154  -0.04649 103 PYJ A CZ  
378 C CB  A PYJ E . ? 0.07394 0.08198 0.06527 0.02524  0.01223  0.01683  104 PYJ A CB  
379 C CB  B PYJ E . ? 0.11283 0.11021 0.10857 -0.00605 0.00456  0.00455  104 PYJ A CB  
380 C CX  A PYJ E . ? 0.08390 0.08506 0.06816 0.01506  0.02199  0.01210  104 PYJ A CX  
381 C CX  B PYJ E . ? 0.11933 0.11572 0.11084 -0.00702 0.00622  0.00680  104 PYJ A CX  
382 C CG  A PYJ E . ? 0.06786 0.07350 0.04881 0.01340  0.00585  0.01111  104 PYJ A CG  
383 C CG  B PYJ E . ? 0.10746 0.10250 0.10375 -0.00234 0.00608  0.00028  104 PYJ A CG  
384 C CD1 A PYJ E . ? 0.06045 0.06958 0.06081 0.01068  -0.00039 0.01510  104 PYJ A CD1 
385 C CD1 B PYJ E . ? 0.10597 0.10310 0.10252 -0.00151 0.00886  0.00142  104 PYJ A CD1 
386 C CD2 A PYJ E . ? 0.07053 0.04990 0.05426 0.00958  0.00800  0.00093  104 PYJ A CD2 
387 C CD2 B PYJ E . ? 0.11053 0.09941 0.09951 -0.00378 0.00849  -0.00291 104 PYJ A CD2 
388 C CE1 A PYJ E . ? 0.05930 0.05962 0.05976 0.00916  -0.00175 0.00629  104 PYJ A CE1 
389 C CE1 B PYJ E . ? 0.10403 0.10509 0.09751 -0.00462 0.00611  0.00069  104 PYJ A CE1 
390 C CE2 A PYJ E . ? 0.07214 0.05909 0.05415 0.00005  0.00437  0.00626  104 PYJ A CE2 
391 C CE2 B PYJ E . ? 0.11218 0.09790 0.09633 -0.00474 0.01006  -0.00485 104 PYJ A CE2 
392 C CZ  A PYJ E . ? 0.06905 0.06427 0.04925 0.00901  0.00213  0.00500  104 PYJ A CZ  
393 C CZ  B PYJ E . ? 0.10844 0.10286 0.09570 -0.00712 0.00669  -0.00183 104 PYJ A CZ  
414 C CB  A PYJ F . ? 0.12160 0.20835 0.13380 0.02890  0.01842  0.00597  105 PYJ A CB  
415 C CB  B PYJ F . ? 0.17307 0.19092 0.21608 -0.01212 0.00220  -0.02348 105 PYJ A CB  
416 C CX  A PYJ F . ? 0.12896 0.20635 0.13831 0.02474  0.01921  0.00674  105 PYJ A CX  
417 C CX  B PYJ F . ? 0.17156 0.18923 0.21539 -0.01177 0.00180  -0.02443 105 PYJ A CX  
418 C CG  A PYJ F . ? 0.10352 0.20685 0.11907 0.04136  0.01643  0.00010  105 PYJ A CG  
419 C CG  B PYJ F . ? 0.17260 0.19156 0.21641 -0.01137 0.00231  -0.02324 105 PYJ A CG  
420 C CD1 A PYJ F . ? 0.10388 0.20707 0.11819 0.04166  0.01551  -0.00026 105 PYJ A CD1 
421 C CD1 B PYJ F . ? 0.17331 0.19295 0.21769 -0.01122 0.00212  -0.02229 105 PYJ A CD1 
422 C CD2 A PYJ F . ? 0.10978 0.21083 0.11075 0.04059  0.02065  -0.00134 105 PYJ A CD2 
423 C CD2 B PYJ F . ? 0.17036 0.19104 0.21577 -0.01139 0.00104  -0.02375 105 PYJ A CD2 
424 C CE1 A PYJ F . ? 0.10402 0.20709 0.11663 0.04068  0.01341  -0.00098 105 PYJ A CE1 
425 C CE1 B PYJ F . ? 0.17240 0.19379 0.21799 -0.01063 0.00216  -0.02194 105 PYJ A CE1 
426 C CE2 A PYJ F . ? 0.10351 0.21016 0.10796 0.04384  0.01665  -0.00173 105 PYJ A CE2 
427 C CE2 B PYJ F . ? 0.17089 0.19305 0.21666 -0.01235 0.00081  -0.02270 105 PYJ A CE2 
428 C CZ  A PYJ F . ? 0.10545 0.20983 0.11132 0.03719  0.01217  -0.00172 105 PYJ A CZ  
429 C CZ  B PYJ F . ? 0.17172 0.19357 0.21730 -0.01129 0.00167  -0.02237 105 PYJ A CZ  
450 C CB  A PYJ G . ? 0.16361 0.12432 0.21610 -0.00747 -0.03209 -0.02112 106 PYJ A CB  
451 C CB  B PYJ G . ? 0.17051 0.14620 0.13595 -0.02210 -0.00308 0.02364  106 PYJ A CB  
452 C CX  A PYJ G . ? 0.17401 0.13273 0.22584 -0.01297 -0.03025 -0.01568 106 PYJ A CX  
453 C CX  B PYJ G . ? 0.17254 0.14906 0.13772 -0.02201 -0.00550 0.02543  106 PYJ A CX  
454 C CG  A PYJ G . ? 0.13654 0.10874 0.20035 -0.00124 -0.03975 -0.02881 106 PYJ A CG  
455 C CG  B PYJ G . ? 0.16348 0.14298 0.13459 -0.02200 -0.00287 0.02270  106 PYJ A CG  
456 C CD1 A PYJ G . ? 0.12016 0.09891 0.19148 0.01102  -0.03796 -0.03338 106 PYJ A CD1 
457 C CD1 B PYJ G . ? 0.16178 0.14003 0.13511 -0.02138 -0.00255 0.02150  106 PYJ A CD1 
458 C CD2 A PYJ G . ? 0.13096 0.11746 0.19344 0.00158  -0.04046 -0.02449 106 PYJ A CD2 
459 C CD2 B PYJ G . ? 0.15644 0.14000 0.13361 -0.02078 -0.00329 0.02261  106 PYJ A CD2 
460 C CE1 A PYJ G . ? 0.10227 0.08422 0.18256 0.01702  -0.03662 -0.04313 106 PYJ A CE1 
461 C CE1 B PYJ G . ? 0.15866 0.13764 0.13682 -0.02040 -0.00088 0.02089  106 PYJ A CE1 
462 C CE2 A PYJ G . ? 0.13527 0.11452 0.18553 0.00481  -0.03374 -0.02965 106 PYJ A CE2 
463 C CE2 B PYJ G . ? 0.15460 0.13846 0.13527 -0.01895 -0.00194 0.02176  106 PYJ A CE2 
464 C CZ  A PYJ G . ? 0.11837 0.09389 0.18062 0.01367  -0.03142 -0.04114 106 PYJ A CZ  
465 C CZ  B PYJ G . ? 0.15734 0.13701 0.13718 -0.01958 -0.00088 0.02077  106 PYJ A CZ  
# 
